data_3Q2A
#
_entry.id   3Q2A
#
_cell.length_a   98.973
_cell.length_b   115.437
_cell.length_c   180.997
_cell.angle_alpha   90.000
_cell.angle_beta   90.000
_cell.angle_gamma   90.000
#
_symmetry.space_group_name_H-M   'C 2 2 21'
#
loop_
_entity.id
_entity.type
_entity.pdbx_description
1 polymer 'Toluene-4-monooxygenase system protein A'
2 polymer 'Toluene-4-monooxygenase system protein E'
3 polymer 'Toluene-4-monooxygenase system protein B'
4 polymer 'Toluene-4-monooxygenase system protein D'
5 non-polymer 'FE (III) ION'
6 non-polymer '4-AMINOBENZOIC ACID'
7 non-polymer 'HEXAETHYLENE GLYCOL'
8 non-polymer 2-{2-[2-2-(METHOXY-ETHOXY)-ETHOXY]-ETHOXY}-ETHANOL
9 water water
#
loop_
_entity_poly.entity_id
_entity_poly.type
_entity_poly.pdbx_seq_one_letter_code
_entity_poly.pdbx_strand_id
1 'polypeptide(L)'
;MAMHPRKDWYELTRATNWTPSYVTEEQLFPERMSGHMGIPLEKWESYDEPYKTSYPEYVSIQREKDAGAYSVKAALERAK
IYENSDPGWISTLKSHYGAIAVGEYAAVTGEGRMARFSKAPGNRNMATFGMMDELRHGQLQLFFPHEYCKKDRQFDWAWR
AYHSNEWAAIAAKHFFDDIITGRDAISVAIMLTFSFETGFTNMQFLGLAADAAEAGDYTFANLISSIQTDESRHAQQGGP
ALQLLIENGKREEAQKKVDMAIWRAWRLFAVLTGPVMDYYTPLEDRSQSFKEFMYEWIIGQFERSLIDLGLDKPWYWDLF
LKDIDELHHSYHMGVWYWRTTAWWNPAAGVTPEERDWLEEKYPGWNKRWGRCWDVITENVLNDRMDLVSPETLPSVCNMS
QIPLVGVPGDDWNIEVFSLEHNGRLYHFGSEVDRWVFQQDPVQYQNHMNIVDRFLAGQIQPMTLEGALKYMGFQSIEEMG
KDAHDFAWADKCKPAMKKSA
;
A
2 'polypeptide(L)'
;MSFESKKPMRTWSHLAEMRKKPSEYDIVSRKLHYSTNNPDSPWELSPDSPMNLWYKQYRNASPLKHDNWDAFTDPDQLVY
RTYNLMQDGQESYVQSLFDQFNEREHDQMVREGWEHTMARCYSPLRYLFHCLQMSSAYVQQMAPASTISNCCILQTADSL
RWLTHTAYRTHELSLTYPDAGLGEHERELWEKEPGWQGLRELMEKQLTAFDWGEAFVSLNLVVKPMIVESIFKPLQQQAW
ENNDTLLPLLIDSQLKDAERHSRWSKALVKHALENPDNHAVIEGWIEKWRPLADRAAEAYLSMLSSD
;
B
3 'polypeptide(L)'
;MSAFPVHAAFEKDFLVQLVVVDLNDSMDQVAEKVAYHCVNRRVAPREGVMRVRKHRSTELFPRDMTIAESGLNPTEVIDV
VFEE
;
C
4 'polypeptide(L)'
;MSTLADQALHNNNVGPIIRAGDLVEPVIETAEIDNPGKEITVEDRRAYVRIAAEGELILTRKTLEEQLGRPFNMQELEIN
LASFAGQIQADEDQIRFYFDKTM
;
E
#
# COMPACT_ATOMS: atom_id res chain seq x y z
N ALA A 2 28.73 -18.10 -21.34
CA ALA A 2 28.77 -16.78 -20.71
C ALA A 2 27.36 -16.21 -20.63
N MET A 3 27.18 -15.22 -19.75
CA MET A 3 25.88 -14.52 -19.60
C MET A 3 26.03 -13.07 -20.06
N HIS A 4 24.99 -12.53 -20.68
CA HIS A 4 25.08 -11.13 -21.14
C HIS A 4 24.45 -10.18 -20.12
N PRO A 5 25.12 -9.04 -19.88
CA PRO A 5 24.73 -8.13 -18.79
C PRO A 5 23.37 -7.47 -19.06
N ARG A 6 22.65 -7.20 -17.96
CA ARG A 6 21.29 -6.71 -18.06
C ARG A 6 21.18 -5.46 -18.95
N LYS A 7 22.16 -4.57 -18.86
CA LYS A 7 22.10 -3.33 -19.66
C LYS A 7 21.99 -3.60 -21.16
N ASP A 8 22.49 -4.74 -21.63
CA ASP A 8 22.47 -5.04 -23.06
C ASP A 8 21.13 -5.57 -23.60
N TRP A 9 20.30 -6.14 -22.73
CA TRP A 9 19.00 -6.67 -23.17
C TRP A 9 17.79 -6.06 -22.46
N TYR A 10 18.03 -5.18 -21.49
CA TYR A 10 16.96 -4.62 -20.68
C TYR A 10 15.92 -3.85 -21.49
N GLU A 11 16.37 -3.10 -22.49
CA GLU A 11 15.45 -2.33 -23.32
C GLU A 11 14.42 -3.22 -23.97
N LEU A 12 14.82 -4.42 -24.38
CA LEU A 12 13.86 -5.32 -25.01
C LEU A 12 12.77 -5.77 -24.03
N THR A 13 13.08 -5.82 -22.73
CA THR A 13 12.04 -6.23 -21.77
C THR A 13 10.92 -5.20 -21.68
N ARG A 14 11.22 -3.94 -21.98
CA ARG A 14 10.19 -2.89 -21.91
C ARG A 14 9.83 -2.30 -23.27
N ALA A 15 10.24 -2.98 -24.34
CA ALA A 15 9.78 -2.62 -25.68
C ALA A 15 8.46 -3.33 -25.95
N THR A 16 7.40 -2.88 -25.28
CA THR A 16 6.12 -3.59 -25.32
C THR A 16 4.97 -2.68 -25.71
N ASN A 17 5.24 -1.41 -25.98
CA ASN A 17 4.18 -0.55 -26.46
C ASN A 17 3.93 -0.81 -27.94
N TRP A 18 2.66 -0.79 -28.33
CA TRP A 18 2.31 -0.90 -29.75
C TRP A 18 1.09 -0.05 -30.10
N THR A 19 0.89 0.16 -31.39
CA THR A 19 -0.21 0.99 -31.89
C THR A 19 -1.45 0.14 -32.14
N PRO A 20 -2.46 0.28 -31.27
CA PRO A 20 -3.69 -0.54 -31.39
C PRO A 20 -4.38 -0.30 -32.73
N SER A 21 -4.94 -1.37 -33.29
CA SER A 21 -5.62 -1.32 -34.58
C SER A 21 -7.03 -1.90 -34.53
N TYR A 22 -7.24 -2.89 -33.66
CA TYR A 22 -8.52 -3.59 -33.62
C TYR A 22 -9.48 -3.05 -32.57
N VAL A 23 -8.93 -2.29 -31.63
CA VAL A 23 -9.70 -1.47 -30.72
C VAL A 23 -8.95 -0.15 -30.71
N THR A 24 -9.56 0.92 -30.20
CA THR A 24 -8.87 2.20 -30.16
C THR A 24 -7.92 2.30 -28.97
N GLU A 25 -7.00 3.23 -29.05
CA GLU A 25 -6.08 3.46 -27.95
C GLU A 25 -6.85 3.76 -26.67
N GLU A 26 -7.94 4.52 -26.77
CA GLU A 26 -8.72 4.90 -25.60
C GLU A 26 -9.52 3.74 -25.00
N GLN A 27 -9.96 2.81 -25.85
CA GLN A 27 -10.62 1.61 -25.37
C GLN A 27 -9.64 0.70 -24.62
N LEU A 28 -8.40 0.67 -25.10
CA LEU A 28 -7.38 -0.19 -24.51
C LEU A 28 -6.84 0.42 -23.22
N PHE A 29 -6.75 1.75 -23.19
CA PHE A 29 -6.33 2.48 -22.00
C PHE A 29 -7.36 3.56 -21.63
N PRO A 30 -8.53 3.15 -21.10
CA PRO A 30 -9.56 4.11 -20.71
C PRO A 30 -9.06 5.10 -19.66
N GLU A 31 -9.35 6.39 -19.86
CA GLU A 31 -8.85 7.44 -18.98
C GLU A 31 -9.16 7.18 -17.50
N ARG A 32 -10.36 6.69 -17.20
CA ARG A 32 -10.73 6.47 -15.80
C ARG A 32 -9.85 5.45 -15.08
N MET A 33 -9.24 4.54 -15.85
CA MET A 33 -8.36 3.51 -15.29
C MET A 33 -6.87 3.82 -15.51
N SER A 34 -6.58 4.50 -16.61
CA SER A 34 -5.21 4.80 -17.02
C SER A 34 -4.70 6.18 -16.57
N GLY A 35 -5.55 7.20 -16.64
CA GLY A 35 -5.18 8.55 -16.19
C GLY A 35 -4.02 9.18 -16.95
N HIS A 36 -3.95 8.88 -18.24
CA HIS A 36 -2.89 9.39 -19.11
C HIS A 36 -3.06 10.88 -19.43
N MET A 37 -4.15 11.47 -18.96
CA MET A 37 -4.43 12.90 -19.21
C MET A 37 -4.26 13.33 -20.67
N GLY A 38 -4.60 12.44 -21.59
CA GLY A 38 -4.54 12.75 -23.01
C GLY A 38 -3.15 12.69 -23.63
N ILE A 39 -2.13 12.38 -22.81
CA ILE A 39 -0.78 12.25 -23.34
C ILE A 39 -0.69 10.99 -24.20
N PRO A 40 -0.27 11.14 -25.47
CA PRO A 40 -0.24 10.02 -26.43
C PRO A 40 0.78 8.94 -26.08
N LEU A 41 0.49 7.71 -26.49
CA LEU A 41 1.32 6.55 -26.19
C LEU A 41 2.80 6.78 -26.38
N GLU A 42 3.16 7.41 -27.48
CA GLU A 42 4.57 7.61 -27.85
C GLU A 42 5.34 8.38 -26.79
N LYS A 43 4.67 9.32 -26.11
CA LYS A 43 5.36 10.12 -25.11
C LYS A 43 5.71 9.28 -23.88
N TRP A 44 4.92 8.25 -23.60
CA TRP A 44 5.11 7.45 -22.40
C TRP A 44 6.32 6.51 -22.47
N GLU A 45 6.87 6.33 -23.67
CA GLU A 45 8.01 5.43 -23.85
C GLU A 45 9.30 6.06 -23.35
N SER A 46 9.22 7.34 -22.98
CA SER A 46 10.33 8.06 -22.37
C SER A 46 10.48 7.70 -20.90
N TYR A 47 9.43 7.12 -20.33
CA TYR A 47 9.45 6.72 -18.94
C TYR A 47 10.64 5.81 -18.65
N ASP A 48 11.47 6.19 -17.70
CA ASP A 48 12.67 5.43 -17.38
C ASP A 48 12.82 5.19 -15.89
N GLU A 49 12.31 4.04 -15.43
CA GLU A 49 12.46 3.63 -14.04
C GLU A 49 13.93 3.59 -13.60
N PRO A 50 14.29 4.35 -12.56
CA PRO A 50 15.68 4.46 -12.12
C PRO A 50 16.13 3.29 -11.24
N TYR A 51 15.19 2.53 -10.68
CA TYR A 51 15.56 1.40 -9.85
C TYR A 51 15.07 0.13 -10.52
N LYS A 52 15.89 -0.40 -11.42
CA LYS A 52 15.49 -1.52 -12.24
C LYS A 52 15.70 -2.87 -11.52
N THR A 53 14.98 -3.89 -11.98
CA THR A 53 15.32 -5.27 -11.67
C THR A 53 14.83 -6.14 -12.82
N SER A 54 15.12 -7.44 -12.76
CA SER A 54 14.65 -8.34 -13.81
C SER A 54 14.20 -9.64 -13.15
N TYR A 55 13.44 -10.45 -13.87
CA TYR A 55 12.81 -11.60 -13.24
C TYR A 55 13.79 -12.59 -12.55
N PRO A 56 14.89 -12.97 -13.23
CA PRO A 56 15.81 -13.90 -12.58
C PRO A 56 16.42 -13.33 -11.29
N GLU A 57 16.77 -12.04 -11.29
CA GLU A 57 17.35 -11.44 -10.10
C GLU A 57 16.33 -11.33 -9.00
N TYR A 58 15.11 -10.98 -9.39
CA TYR A 58 14.02 -10.77 -8.44
C TYR A 58 13.77 -12.03 -7.59
N VAL A 59 13.52 -13.16 -8.24
CA VAL A 59 13.19 -14.37 -7.49
C VAL A 59 14.34 -14.81 -6.58
N SER A 60 15.57 -14.66 -7.05
CA SER A 60 16.76 -15.02 -6.29
C SER A 60 16.94 -14.11 -5.06
N ILE A 61 16.92 -12.81 -5.29
N ILE A 61 16.90 -12.81 -5.26
CA ILE A 61 17.07 -11.82 -4.22
CA ILE A 61 17.12 -11.89 -4.15
C ILE A 61 15.95 -11.92 -3.18
C ILE A 61 15.94 -11.89 -3.15
N GLN A 62 14.71 -12.01 -3.65
CA GLN A 62 13.55 -12.03 -2.76
C GLN A 62 13.52 -13.32 -1.94
N ARG A 63 14.01 -14.41 -2.53
CA ARG A 63 14.16 -15.65 -1.78
C ARG A 63 15.11 -15.41 -0.60
N GLU A 64 16.20 -14.71 -0.87
CA GLU A 64 17.17 -14.44 0.18
C GLU A 64 16.58 -13.53 1.25
N LYS A 65 15.80 -12.51 0.84
CA LYS A 65 15.17 -11.61 1.79
C LYS A 65 14.26 -12.37 2.78
N ASP A 66 13.40 -13.23 2.25
CA ASP A 66 12.51 -14.01 3.12
C ASP A 66 13.27 -15.00 4.02
N ALA A 67 14.29 -15.67 3.48
CA ALA A 67 15.04 -16.65 4.27
C ALA A 67 15.54 -16.00 5.56
N GLY A 68 16.08 -14.80 5.47
CA GLY A 68 16.51 -14.05 6.63
C GLY A 68 15.37 -13.62 7.56
N ALA A 69 14.31 -13.05 7.00
CA ALA A 69 13.15 -12.65 7.83
C ALA A 69 12.59 -13.81 8.66
N TYR A 70 12.37 -14.95 8.00
CA TYR A 70 11.78 -16.12 8.65
C TYR A 70 12.74 -16.82 9.62
N SER A 71 14.03 -16.85 9.28
N SER A 71 14.03 -16.86 9.26
CA SER A 71 14.99 -17.54 10.14
CA SER A 71 15.03 -17.50 10.12
C SER A 71 15.23 -16.76 11.44
C SER A 71 15.13 -16.76 11.44
N VAL A 72 15.15 -15.43 11.35
CA VAL A 72 15.25 -14.60 12.53
C VAL A 72 14.04 -14.79 13.44
N LYS A 73 12.84 -14.76 12.86
CA LYS A 73 11.61 -15.02 13.61
C LYS A 73 11.71 -16.37 14.34
N ALA A 74 12.15 -17.39 13.62
CA ALA A 74 12.28 -18.73 14.20
C ALA A 74 13.29 -18.78 15.35
N ALA A 75 14.43 -18.11 15.21
CA ALA A 75 15.46 -18.19 16.23
C ALA A 75 15.08 -17.43 17.49
N LEU A 76 14.10 -16.53 17.38
CA LEU A 76 13.75 -15.69 18.52
C LEU A 76 12.38 -15.97 19.15
N GLU A 77 11.71 -17.05 18.74
CA GLU A 77 10.40 -17.38 19.30
C GLU A 77 10.39 -17.43 20.83
N ARG A 78 11.52 -17.77 21.44
CA ARG A 78 11.55 -17.95 22.90
C ARG A 78 12.11 -16.74 23.65
N ALA A 79 12.28 -15.62 22.95
CA ALA A 79 12.75 -14.40 23.60
C ALA A 79 11.71 -13.78 24.55
N LYS A 80 10.52 -14.39 24.59
CA LYS A 80 9.41 -13.90 25.42
C LYS A 80 9.10 -12.41 25.26
N ILE A 81 9.10 -11.95 24.01
CA ILE A 81 8.70 -10.58 23.73
C ILE A 81 7.30 -10.33 24.27
N TYR A 82 6.38 -11.24 23.96
CA TYR A 82 4.99 -11.05 24.39
C TYR A 82 4.85 -10.95 25.91
N GLU A 83 5.46 -11.88 26.63
CA GLU A 83 5.32 -11.95 28.09
C GLU A 83 6.12 -10.85 28.80
N ASN A 84 7.29 -10.54 28.28
CA ASN A 84 8.24 -9.68 28.99
C ASN A 84 8.28 -8.22 28.54
N SER A 85 7.68 -7.91 27.40
CA SER A 85 7.69 -6.54 26.88
C SER A 85 6.70 -5.65 27.61
N ASP A 86 6.98 -4.36 27.62
CA ASP A 86 6.03 -3.37 28.11
C ASP A 86 4.76 -3.53 27.27
N PRO A 87 3.60 -3.56 27.94
CA PRO A 87 2.34 -3.75 27.21
C PRO A 87 2.09 -2.63 26.20
N GLY A 88 2.71 -1.48 26.41
CA GLY A 88 2.63 -0.41 25.42
C GLY A 88 3.27 -0.85 24.13
N TRP A 89 4.33 -1.65 24.25
CA TRP A 89 5.00 -2.17 23.06
C TRP A 89 4.16 -3.22 22.34
N ILE A 90 3.52 -4.09 23.11
CA ILE A 90 2.59 -5.07 22.55
C ILE A 90 1.44 -4.40 21.78
N SER A 91 0.95 -3.29 22.31
CA SER A 91 -0.13 -2.55 21.67
C SER A 91 0.36 -1.92 20.38
N THR A 92 1.62 -1.52 20.37
CA THR A 92 2.24 -1.01 19.15
C THR A 92 2.24 -2.07 18.05
N LEU A 93 2.60 -3.31 18.40
CA LEU A 93 2.51 -4.43 17.46
C LEU A 93 1.07 -4.67 16.99
N LYS A 94 0.13 -4.75 17.93
CA LYS A 94 -1.27 -4.95 17.58
C LYS A 94 -1.80 -3.89 16.62
N SER A 95 -1.53 -2.63 16.93
CA SER A 95 -1.94 -1.51 16.09
C SER A 95 -1.32 -1.62 14.69
N HIS A 96 -0.01 -1.83 14.66
CA HIS A 96 0.70 -1.93 13.39
C HIS A 96 0.09 -3.03 12.52
N TYR A 97 0.06 -4.25 13.03
CA TYR A 97 -0.37 -5.36 12.19
C TYR A 97 -1.82 -5.19 11.71
N GLY A 98 -2.69 -4.76 12.62
CA GLY A 98 -4.08 -4.51 12.26
C GLY A 98 -4.22 -3.47 11.18
N ALA A 99 -3.50 -2.36 11.34
CA ALA A 99 -3.68 -1.23 10.42
C ALA A 99 -2.97 -1.44 9.09
N ILE A 100 -2.11 -2.44 9.01
CA ILE A 100 -1.21 -2.57 7.86
C ILE A 100 -1.37 -3.82 7.01
N ALA A 101 -1.50 -5.00 7.63
CA ALA A 101 -1.39 -6.24 6.87
C ALA A 101 -2.30 -6.31 5.65
N VAL A 102 -3.60 -6.11 5.83
CA VAL A 102 -4.52 -6.26 4.73
C VAL A 102 -4.50 -5.02 3.82
N GLY A 103 -3.95 -3.92 4.33
CA GLY A 103 -3.72 -2.73 3.51
C GLY A 103 -2.61 -3.00 2.51
N GLU A 104 -1.56 -3.69 2.95
CA GLU A 104 -0.50 -4.14 2.06
C GLU A 104 -1.11 -4.96 0.93
N TYR A 105 -1.99 -5.89 1.29
CA TYR A 105 -2.59 -6.75 0.29
C TYR A 105 -3.42 -5.90 -0.70
N ALA A 106 -4.12 -4.89 -0.19
CA ALA A 106 -4.80 -3.92 -1.05
C ALA A 106 -3.85 -3.22 -2.02
N ALA A 107 -2.63 -2.92 -1.56
CA ALA A 107 -1.64 -2.23 -2.40
C ALA A 107 -1.28 -3.04 -3.65
N VAL A 108 -1.46 -4.36 -3.57
CA VAL A 108 -1.29 -5.22 -4.75
C VAL A 108 -2.19 -4.70 -5.90
N THR A 109 -3.41 -4.30 -5.55
CA THR A 109 -4.37 -3.79 -6.53
C THR A 109 -3.93 -2.43 -7.13
N GLY A 110 -3.33 -1.57 -6.32
CA GLY A 110 -2.72 -0.35 -6.83
C GLY A 110 -1.67 -0.67 -7.86
N GLU A 111 -0.78 -1.61 -7.52
CA GLU A 111 0.27 -2.02 -8.45
C GLU A 111 -0.33 -2.67 -9.70
N GLY A 112 -1.35 -3.51 -9.51
CA GLY A 112 -2.03 -4.13 -10.63
C GLY A 112 -2.72 -3.15 -11.56
N ARG A 113 -3.26 -2.08 -11.00
CA ARG A 113 -3.90 -1.04 -11.81
C ARG A 113 -2.88 -0.48 -12.80
N MET A 114 -1.67 -0.23 -12.29
CA MET A 114 -0.57 0.24 -13.12
C MET A 114 -0.08 -0.83 -14.11
N ALA A 115 0.06 -2.07 -13.64
CA ALA A 115 0.56 -3.13 -14.50
C ALA A 115 -0.31 -3.33 -15.73
N ARG A 116 -1.62 -3.14 -15.57
CA ARG A 116 -2.54 -3.25 -16.70
C ARG A 116 -2.73 -1.94 -17.46
N PHE A 117 -2.88 -0.83 -16.74
CA PHE A 117 -3.41 0.39 -17.37
C PHE A 117 -2.43 1.54 -17.60
N SER A 118 -1.20 1.44 -17.12
CA SER A 118 -0.23 2.51 -17.40
C SER A 118 0.22 2.42 -18.85
N LYS A 119 0.34 3.58 -19.52
CA LYS A 119 0.86 3.64 -20.88
C LYS A 119 2.38 3.54 -20.97
N ALA A 120 3.06 3.64 -19.83
CA ALA A 120 4.51 3.51 -19.79
C ALA A 120 4.90 2.05 -19.59
N PRO A 121 5.57 1.46 -20.59
CA PRO A 121 5.97 0.04 -20.58
C PRO A 121 6.87 -0.32 -19.39
N GLY A 122 7.77 0.57 -19.03
CA GLY A 122 8.64 0.33 -17.88
C GLY A 122 7.85 0.31 -16.58
N ASN A 123 6.83 1.15 -16.51
CA ASN A 123 5.97 1.22 -15.35
C ASN A 123 5.16 -0.09 -15.21
N ARG A 124 4.63 -0.60 -16.32
CA ARG A 124 3.90 -1.86 -16.29
C ARG A 124 4.76 -3.05 -15.76
N ASN A 125 6.03 -3.11 -16.16
CA ASN A 125 6.94 -4.17 -15.66
C ASN A 125 7.33 -3.98 -14.19
N MET A 126 7.68 -2.76 -13.79
CA MET A 126 8.03 -2.50 -12.39
C MET A 126 6.82 -2.68 -11.46
N ALA A 127 5.61 -2.33 -11.94
CA ALA A 127 4.38 -2.60 -11.19
C ALA A 127 4.12 -4.10 -11.00
N THR A 128 4.64 -4.91 -11.92
CA THR A 128 4.50 -6.36 -11.82
C THR A 128 5.32 -6.86 -10.63
N PHE A 129 6.55 -6.40 -10.50
CA PHE A 129 7.33 -6.67 -9.29
C PHE A 129 6.68 -6.04 -8.06
N GLY A 130 6.09 -4.86 -8.25
CA GLY A 130 5.34 -4.21 -7.19
C GLY A 130 4.17 -5.04 -6.67
N MET A 131 3.43 -5.67 -7.57
CA MET A 131 2.34 -6.57 -7.17
C MET A 131 2.93 -7.68 -6.29
N MET A 132 4.06 -8.22 -6.72
CA MET A 132 4.69 -9.31 -6.00
C MET A 132 5.18 -8.85 -4.62
N ASP A 133 5.81 -7.67 -4.58
CA ASP A 133 6.28 -7.10 -3.33
C ASP A 133 5.13 -6.95 -2.31
N GLU A 134 4.00 -6.40 -2.73
CA GLU A 134 2.92 -6.16 -1.78
C GLU A 134 2.31 -7.49 -1.33
N LEU A 135 2.29 -8.47 -2.23
CA LEU A 135 1.87 -9.82 -1.86
C LEU A 135 2.76 -10.34 -0.72
N ARG A 136 4.06 -10.18 -0.88
CA ARG A 136 5.02 -10.55 0.17
C ARG A 136 4.67 -9.88 1.49
N HIS A 137 4.44 -8.57 1.42
CA HIS A 137 4.23 -7.75 2.60
C HIS A 137 2.94 -8.09 3.33
N GLY A 138 1.88 -8.36 2.58
CA GLY A 138 0.63 -8.77 3.19
C GLY A 138 0.79 -10.13 3.84
N GLN A 139 1.46 -11.05 3.15
CA GLN A 139 1.63 -12.41 3.70
C GLN A 139 2.56 -12.45 4.91
N LEU A 140 3.67 -11.71 4.86
CA LEU A 140 4.54 -11.59 6.02
C LEU A 140 3.77 -11.08 7.24
N GLN A 141 2.95 -10.05 7.02
CA GLN A 141 2.37 -9.33 8.15
C GLN A 141 1.06 -9.95 8.62
N LEU A 142 0.65 -11.02 7.95
CA LEU A 142 -0.33 -11.95 8.49
C LEU A 142 0.39 -13.11 9.21
N PHE A 143 1.42 -13.64 8.55
CA PHE A 143 2.13 -14.79 9.12
C PHE A 143 2.73 -14.50 10.50
N PHE A 144 3.38 -13.34 10.64
CA PHE A 144 4.10 -13.03 11.87
C PHE A 144 3.21 -12.88 13.09
N PRO A 145 2.12 -12.08 12.99
CA PRO A 145 1.28 -11.94 14.18
C PRO A 145 0.43 -13.17 14.46
N HIS A 146 0.27 -14.04 13.46
CA HIS A 146 -0.62 -15.19 13.60
C HIS A 146 -0.28 -16.05 14.81
N GLU A 147 1.01 -16.21 15.11
CA GLU A 147 1.37 -17.06 16.24
C GLU A 147 0.85 -16.50 17.54
N TYR A 148 0.51 -15.21 17.56
CA TYR A 148 0.03 -14.60 18.80
C TYR A 148 -1.48 -14.70 18.99
N CYS A 149 -2.21 -15.17 17.97
CA CYS A 149 -3.65 -15.44 18.11
C CYS A 149 -3.91 -16.27 19.36
N LYS A 150 -3.12 -17.33 19.56
CA LYS A 150 -3.37 -18.25 20.66
C LYS A 150 -3.15 -17.58 22.01
N LYS A 151 -2.51 -16.41 22.00
CA LYS A 151 -2.22 -15.68 23.24
C LYS A 151 -3.18 -14.53 23.53
N ASP A 152 -3.75 -13.93 22.49
CA ASP A 152 -4.45 -12.66 22.63
C ASP A 152 -5.38 -12.44 21.44
N ARG A 153 -6.68 -12.29 21.70
CA ARG A 153 -7.68 -12.16 20.64
C ARG A 153 -7.51 -10.85 19.88
N GLN A 154 -6.87 -9.87 20.49
CA GLN A 154 -6.68 -8.60 19.82
C GLN A 154 -5.76 -8.78 18.62
N PHE A 155 -4.98 -9.86 18.61
CA PHE A 155 -4.12 -10.14 17.46
C PHE A 155 -4.90 -10.68 16.28
N ASP A 156 -6.13 -11.14 16.52
CA ASP A 156 -7.00 -11.56 15.44
C ASP A 156 -7.27 -10.40 14.49
N TRP A 157 -7.11 -9.18 14.98
CA TRP A 157 -7.41 -8.00 14.16
C TRP A 157 -6.38 -7.75 13.07
N ALA A 158 -5.23 -8.42 13.16
CA ALA A 158 -4.24 -8.37 12.09
C ALA A 158 -4.92 -8.80 10.81
N TRP A 159 -5.82 -9.77 10.93
CA TRP A 159 -6.63 -10.20 9.79
C TRP A 159 -7.97 -9.46 9.74
N ARG A 160 -8.64 -9.32 10.88
CA ARG A 160 -10.03 -8.85 10.88
C ARG A 160 -10.23 -7.38 10.60
N ALA A 161 -9.26 -6.54 10.91
CA ALA A 161 -9.51 -5.09 10.96
C ALA A 161 -10.19 -4.53 9.70
N TYR A 162 -9.63 -4.82 8.53
CA TYR A 162 -10.13 -4.24 7.29
C TYR A 162 -11.49 -4.79 6.90
N HIS A 163 -11.91 -5.87 7.56
CA HIS A 163 -13.25 -6.41 7.36
C HIS A 163 -14.28 -5.76 8.29
N SER A 164 -13.83 -4.86 9.16
CA SER A 164 -14.74 -4.28 10.15
C SER A 164 -15.10 -2.84 9.82
N ASN A 165 -16.09 -2.32 10.57
CA ASN A 165 -16.43 -0.90 10.53
C ASN A 165 -15.91 -0.19 11.77
N GLU A 166 -14.86 -0.73 12.37
CA GLU A 166 -14.22 -0.10 13.52
C GLU A 166 -13.55 1.19 13.02
N TRP A 167 -13.49 2.22 13.87
CA TRP A 167 -13.23 3.58 13.37
C TRP A 167 -11.88 3.74 12.68
N ALA A 168 -10.83 3.12 13.21
CA ALA A 168 -9.50 3.24 12.62
C ALA A 168 -9.42 2.45 11.32
N ALA A 169 -10.18 1.37 11.24
CA ALA A 169 -10.26 0.57 10.02
C ALA A 169 -10.93 1.36 8.89
N ILE A 170 -11.97 2.10 9.25
CA ILE A 170 -12.64 2.96 8.28
C ILE A 170 -11.73 4.10 7.85
N ALA A 171 -11.03 4.71 8.81
CA ALA A 171 -10.04 5.73 8.45
C ALA A 171 -8.96 5.16 7.51
N ALA A 172 -8.45 3.97 7.81
CA ALA A 172 -7.43 3.36 6.96
C ALA A 172 -7.95 3.05 5.55
N LYS A 173 -9.14 2.48 5.47
CA LYS A 173 -9.73 2.14 4.18
C LYS A 173 -10.16 3.36 3.36
N HIS A 174 -10.64 4.40 4.03
CA HIS A 174 -11.06 5.60 3.30
C HIS A 174 -9.84 6.22 2.63
N PHE A 175 -8.71 6.17 3.32
CA PHE A 175 -7.44 6.68 2.78
C PHE A 175 -6.88 5.79 1.67
N PHE A 176 -6.72 4.50 1.97
CA PHE A 176 -6.15 3.57 1.00
C PHE A 176 -7.06 3.35 -0.21
N ASP A 177 -8.37 3.31 0.02
CA ASP A 177 -9.27 3.18 -1.10
C ASP A 177 -9.21 4.43 -1.98
N ASP A 178 -8.87 5.57 -1.38
CA ASP A 178 -8.76 6.82 -2.14
C ASP A 178 -7.48 6.90 -2.97
N ILE A 179 -6.33 6.53 -2.39
CA ILE A 179 -5.06 6.68 -3.09
C ILE A 179 -4.49 5.39 -3.72
N ILE A 180 -5.05 4.24 -3.36
CA ILE A 180 -4.51 2.97 -3.84
C ILE A 180 -5.44 2.28 -4.84
N THR A 181 -6.67 2.03 -4.42
CA THR A 181 -7.55 1.15 -5.19
C THR A 181 -8.64 1.90 -5.92
N GLY A 182 -8.83 3.17 -5.58
CA GLY A 182 -9.96 3.93 -6.09
C GLY A 182 -9.66 4.90 -7.22
N ARG A 183 -8.43 4.91 -7.72
CA ARG A 183 -8.07 5.87 -8.77
C ARG A 183 -7.30 5.25 -9.93
N ASP A 184 -7.14 6.02 -11.00
CA ASP A 184 -6.42 5.59 -12.20
C ASP A 184 -4.93 5.34 -11.96
N ALA A 185 -4.30 4.63 -12.90
CA ALA A 185 -2.92 4.18 -12.76
C ALA A 185 -1.93 5.30 -12.47
N ILE A 186 -2.04 6.42 -13.20
CA ILE A 186 -1.13 7.52 -12.99
C ILE A 186 -1.31 8.17 -11.62
N SER A 187 -2.56 8.32 -11.19
CA SER A 187 -2.83 8.78 -9.83
C SER A 187 -2.18 7.87 -8.78
N VAL A 188 -2.32 6.55 -8.96
CA VAL A 188 -1.62 5.61 -8.10
C VAL A 188 -0.11 5.88 -8.12
N ALA A 189 0.47 6.04 -9.31
CA ALA A 189 1.92 6.26 -9.39
C ALA A 189 2.33 7.47 -8.55
N ILE A 190 1.54 8.53 -8.63
N ILE A 190 1.54 8.54 -8.61
CA ILE A 190 1.85 9.78 -7.95
CA ILE A 190 1.87 9.79 -7.94
C ILE A 190 1.49 9.77 -6.46
C ILE A 190 1.47 9.82 -6.47
N MET A 191 0.25 9.40 -6.17
CA MET A 191 -0.26 9.45 -4.80
C MET A 191 0.29 8.32 -3.93
N LEU A 192 0.40 7.14 -4.50
CA LEU A 192 0.89 6.00 -3.73
C LEU A 192 2.42 5.89 -3.79
N THR A 193 2.95 5.56 -4.97
CA THR A 193 4.39 5.24 -5.01
C THR A 193 5.28 6.47 -4.74
N PHE A 194 4.93 7.62 -5.27
CA PHE A 194 5.72 8.79 -4.93
C PHE A 194 5.41 9.37 -3.54
N SER A 195 4.20 9.90 -3.38
CA SER A 195 3.86 10.65 -2.16
C SER A 195 3.85 9.80 -0.89
N PHE A 196 2.98 8.81 -0.83
CA PHE A 196 2.86 8.00 0.37
C PHE A 196 4.12 7.18 0.64
N GLU A 197 4.65 6.52 -0.40
CA GLU A 197 5.70 5.52 -0.23
C GLU A 197 7.15 6.07 -0.16
N THR A 198 7.43 7.25 -0.74
CA THR A 198 8.75 7.81 -0.49
C THR A 198 8.62 8.85 0.60
N GLY A 199 7.37 9.14 0.94
CA GLY A 199 7.05 10.24 1.83
C GLY A 199 6.87 9.85 3.28
N PHE A 200 6.01 8.87 3.54
CA PHE A 200 5.62 8.58 4.91
C PHE A 200 5.95 7.17 5.38
N THR A 201 5.99 6.20 4.47
CA THR A 201 6.15 4.82 4.97
C THR A 201 7.50 4.60 5.65
N ASN A 202 8.50 5.40 5.28
CA ASN A 202 9.78 5.33 5.97
C ASN A 202 9.62 5.55 7.47
N MET A 203 8.70 6.43 7.85
CA MET A 203 8.39 6.73 9.26
C MET A 203 7.92 5.49 10.00
N GLN A 204 6.94 4.79 9.43
CA GLN A 204 6.32 3.67 10.13
C GLN A 204 7.17 2.41 10.06
N PHE A 205 7.86 2.22 8.94
CA PHE A 205 8.64 0.99 8.75
C PHE A 205 10.12 1.08 9.14
N LEU A 206 10.66 2.29 9.23
CA LEU A 206 12.06 2.44 9.65
C LEU A 206 12.18 3.24 10.94
N GLY A 207 11.37 4.28 11.08
CA GLY A 207 11.35 5.03 12.32
C GLY A 207 10.91 4.12 13.47
N LEU A 208 9.83 3.39 13.24
CA LEU A 208 9.34 2.46 14.24
C LEU A 208 10.36 1.32 14.47
N ALA A 209 11.07 0.90 13.43
CA ALA A 209 12.06 -0.17 13.58
C ALA A 209 13.15 0.26 14.55
N ALA A 210 13.51 1.54 14.51
CA ALA A 210 14.51 2.08 15.44
C ALA A 210 14.01 1.92 16.86
N ASP A 211 12.75 2.25 17.10
CA ASP A 211 12.18 2.08 18.42
C ASP A 211 12.12 0.59 18.80
N ALA A 212 11.76 -0.25 17.83
CA ALA A 212 11.71 -1.69 18.08
C ALA A 212 13.06 -2.27 18.50
N ALA A 213 14.12 -1.85 17.80
CA ALA A 213 15.47 -2.27 18.15
C ALA A 213 15.83 -1.82 19.56
N GLU A 214 15.46 -0.59 19.91
CA GLU A 214 15.69 -0.10 21.27
C GLU A 214 14.92 -0.96 22.28
N ALA A 215 13.72 -1.40 21.89
CA ALA A 215 12.88 -2.22 22.77
C ALA A 215 13.36 -3.67 22.83
N GLY A 216 14.31 -4.03 21.96
CA GLY A 216 14.83 -5.39 21.94
C GLY A 216 13.97 -6.38 21.16
N ASP A 217 13.06 -5.87 20.34
CA ASP A 217 12.22 -6.72 19.50
C ASP A 217 12.81 -6.84 18.10
N TYR A 218 13.84 -7.66 17.95
CA TYR A 218 14.55 -7.76 16.68
C TYR A 218 13.76 -8.47 15.59
N THR A 219 12.86 -9.36 15.99
CA THR A 219 12.04 -10.04 15.00
C THR A 219 11.27 -9.00 14.20
N PHE A 220 10.70 -8.04 14.93
CA PHE A 220 9.84 -7.05 14.31
C PHE A 220 10.67 -6.00 13.56
N ALA A 221 11.71 -5.47 14.19
CA ALA A 221 12.55 -4.47 13.53
C ALA A 221 13.15 -5.05 12.26
N ASN A 222 13.67 -6.28 12.35
CA ASN A 222 14.27 -6.94 11.20
C ASN A 222 13.25 -7.15 10.09
N LEU A 223 12.02 -7.48 10.49
CA LEU A 223 10.92 -7.70 9.55
C LEU A 223 10.59 -6.44 8.74
N ILE A 224 10.22 -5.38 9.45
CA ILE A 224 9.71 -4.18 8.77
C ILE A 224 10.81 -3.45 7.99
N SER A 225 12.04 -3.53 8.47
CA SER A 225 13.15 -2.91 7.74
C SER A 225 13.42 -3.67 6.43
N SER A 226 13.28 -5.00 6.46
CA SER A 226 13.37 -5.79 5.23
C SER A 226 12.25 -5.48 4.24
N ILE A 227 11.03 -5.36 4.77
CA ILE A 227 9.91 -4.95 3.95
C ILE A 227 10.22 -3.63 3.21
N GLN A 228 10.84 -2.68 3.90
CA GLN A 228 11.03 -1.35 3.31
C GLN A 228 12.08 -1.36 2.18
N THR A 229 12.96 -2.37 2.19
CA THR A 229 13.88 -2.54 1.06
C THR A 229 13.16 -2.77 -0.26
N ASP A 230 11.98 -3.39 -0.22
CA ASP A 230 11.17 -3.55 -1.43
C ASP A 230 10.57 -2.19 -1.81
N GLU A 231 10.01 -1.50 -0.83
CA GLU A 231 9.42 -0.18 -1.06
C GLU A 231 10.42 0.72 -1.76
N SER A 232 11.67 0.67 -1.29
CA SER A 232 12.71 1.55 -1.84
C SER A 232 12.83 1.38 -3.34
N ARG A 233 12.61 0.16 -3.82
CA ARG A 233 12.65 -0.12 -5.25
C ARG A 233 11.34 0.24 -5.96
N HIS A 234 10.21 -0.31 -5.51
CA HIS A 234 8.98 -0.07 -6.30
C HIS A 234 8.40 1.34 -6.10
N ALA A 235 8.76 2.01 -5.02
CA ALA A 235 8.35 3.40 -4.85
C ALA A 235 8.94 4.26 -5.96
N GLN A 236 10.04 3.80 -6.58
CA GLN A 236 10.73 4.61 -7.60
C GLN A 236 9.99 4.62 -8.95
N GLN A 237 8.75 4.12 -8.96
CA GLN A 237 7.88 4.26 -10.14
C GLN A 237 7.21 5.64 -10.20
N GLY A 238 7.19 6.32 -9.07
CA GLY A 238 6.49 7.59 -8.98
C GLY A 238 7.23 8.76 -9.61
N GLY A 239 8.50 8.92 -9.27
CA GLY A 239 9.31 10.05 -9.75
C GLY A 239 9.29 10.24 -11.25
N PRO A 240 9.58 9.16 -12.00
CA PRO A 240 9.57 9.24 -13.47
C PRO A 240 8.19 9.51 -14.09
N ALA A 241 7.09 9.16 -13.42
CA ALA A 241 5.76 9.54 -13.93
C ALA A 241 5.59 11.04 -13.74
N LEU A 242 6.01 11.50 -12.57
CA LEU A 242 5.97 12.92 -12.23
CA LEU A 242 5.98 12.92 -12.20
C LEU A 242 6.74 13.76 -13.23
N GLN A 243 7.97 13.34 -13.50
CA GLN A 243 8.82 14.07 -14.43
C GLN A 243 8.20 14.09 -15.83
N LEU A 244 7.60 12.97 -16.21
CA LEU A 244 6.96 12.87 -17.52
C LEU A 244 5.73 13.79 -17.64
N LEU A 245 4.93 13.85 -16.57
CA LEU A 245 3.78 14.76 -16.54
C LEU A 245 4.26 16.22 -16.67
N ILE A 246 5.28 16.58 -15.91
CA ILE A 246 5.82 17.94 -16.01
C ILE A 246 6.31 18.27 -17.42
N GLU A 247 7.07 17.35 -18.02
CA GLU A 247 7.61 17.57 -19.37
C GLU A 247 6.50 17.75 -20.39
N ASN A 248 5.33 17.20 -20.11
CA ASN A 248 4.22 17.22 -21.05
C ASN A 248 3.12 18.22 -20.67
N GLY A 249 3.48 19.21 -19.85
CA GLY A 249 2.59 20.31 -19.55
C GLY A 249 1.56 20.07 -18.46
N LYS A 250 1.77 19.06 -17.62
CA LYS A 250 0.78 18.69 -16.62
C LYS A 250 1.29 18.91 -15.20
N ARG A 251 2.18 19.88 -15.02
CA ARG A 251 2.73 20.13 -13.70
C ARG A 251 1.67 20.49 -12.64
N GLU A 252 0.70 21.33 -13.00
CA GLU A 252 -0.34 21.68 -12.02
C GLU A 252 -1.11 20.44 -11.55
N GLU A 253 -1.50 19.58 -12.48
CA GLU A 253 -2.18 18.34 -12.14
C GLU A 253 -1.32 17.49 -11.21
N ALA A 254 -0.03 17.38 -11.54
CA ALA A 254 0.89 16.60 -10.71
C ALA A 254 1.04 17.17 -9.30
N GLN A 255 1.24 18.48 -9.21
CA GLN A 255 1.38 19.16 -7.92
C GLN A 255 0.16 18.91 -7.04
N LYS A 256 -1.04 19.05 -7.62
CA LYS A 256 -2.27 18.89 -6.84
C LYS A 256 -2.42 17.47 -6.29
N LYS A 257 -2.01 16.48 -7.07
CA LYS A 257 -2.12 15.08 -6.62
C LYS A 257 -1.18 14.80 -5.45
N VAL A 258 0.05 15.29 -5.58
CA VAL A 258 1.02 15.20 -4.49
C VAL A 258 0.53 15.92 -3.25
N ASP A 259 0.12 17.19 -3.40
CA ASP A 259 -0.45 17.96 -2.29
C ASP A 259 -1.57 17.20 -1.57
N MET A 260 -2.52 16.68 -2.33
CA MET A 260 -3.64 15.93 -1.75
CA MET A 260 -3.64 15.92 -1.78
C MET A 260 -3.17 14.69 -0.99
N ALA A 261 -2.33 13.89 -1.63
CA ALA A 261 -1.92 12.61 -1.05
C ALA A 261 -1.08 12.75 0.22
N ILE A 262 -0.18 13.73 0.22
N ILE A 262 -0.19 13.73 0.23
CA ILE A 262 0.68 13.98 1.37
CA ILE A 262 0.67 13.95 1.38
C ILE A 262 -0.13 14.37 2.60
C ILE A 262 -0.13 14.38 2.61
N TRP A 263 -1.13 15.22 2.41
CA TRP A 263 -1.97 15.67 3.53
C TRP A 263 -2.85 14.51 4.05
N ARG A 264 -3.47 13.79 3.13
CA ARG A 264 -4.28 12.64 3.53
C ARG A 264 -3.44 11.64 4.35
N ALA A 265 -2.22 11.39 3.88
CA ALA A 265 -1.32 10.46 4.57
C ALA A 265 -0.94 10.99 5.95
N TRP A 266 -0.68 12.29 6.02
CA TRP A 266 -0.30 12.93 7.27
C TRP A 266 -1.33 12.71 8.39
N ARG A 267 -2.61 12.94 8.08
CA ARG A 267 -3.64 12.85 9.11
C ARG A 267 -3.70 11.42 9.66
N LEU A 268 -3.63 10.44 8.77
CA LEU A 268 -3.67 9.04 9.22
C LEU A 268 -2.42 8.67 10.04
N PHE A 269 -1.24 9.07 9.57
CA PHE A 269 -0.01 8.78 10.30
C PHE A 269 0.03 9.46 11.65
N ALA A 270 -0.60 10.64 11.75
CA ALA A 270 -0.62 11.38 13.00
C ALA A 270 -1.44 10.65 14.07
N VAL A 271 -2.45 9.90 13.65
CA VAL A 271 -3.29 9.19 14.62
C VAL A 271 -2.78 7.78 14.97
N LEU A 272 -1.95 7.18 14.11
CA LEU A 272 -1.43 5.85 14.39
CA LEU A 272 -1.40 5.83 14.35
C LEU A 272 0.03 5.87 14.85
N THR A 273 0.91 6.46 14.04
CA THR A 273 2.33 6.50 14.37
C THR A 273 2.70 7.53 15.44
N GLY A 274 1.99 8.65 15.48
CA GLY A 274 2.28 9.68 16.45
C GLY A 274 2.18 9.20 17.90
N PRO A 275 1.03 8.61 18.26
CA PRO A 275 0.84 8.11 19.63
C PRO A 275 1.79 6.96 19.93
N VAL A 276 2.06 6.11 18.95
CA VAL A 276 3.02 5.01 19.14
C VAL A 276 4.40 5.52 19.54
N MET A 277 4.89 6.53 18.82
CA MET A 277 6.26 7.01 19.03
C MET A 277 6.44 7.86 20.27
N ASP A 278 5.41 8.61 20.65
CA ASP A 278 5.54 9.55 21.76
C ASP A 278 4.86 9.06 23.04
N TYR A 279 4.03 8.02 22.95
CA TYR A 279 3.30 7.53 24.11
C TYR A 279 3.37 6.01 24.34
N TYR A 280 3.03 5.20 23.34
CA TYR A 280 3.00 3.74 23.56
C TYR A 280 4.41 3.15 23.75
N THR A 281 5.32 3.52 22.88
CA THR A 281 6.70 3.04 22.99
C THR A 281 7.26 3.49 24.34
N PRO A 282 7.82 2.53 25.12
CA PRO A 282 8.40 2.88 26.42
C PRO A 282 9.40 4.03 26.32
N LEU A 283 9.37 4.94 27.28
CA LEU A 283 10.25 6.11 27.28
C LEU A 283 11.71 5.79 26.94
N GLU A 284 12.25 4.71 27.49
CA GLU A 284 13.68 4.41 27.29
C GLU A 284 13.95 3.93 25.88
N ASP A 285 12.90 3.63 25.13
CA ASP A 285 13.03 3.09 23.78
C ASP A 285 12.71 4.10 22.69
N ARG A 286 12.50 5.35 23.07
CA ARG A 286 12.16 6.39 22.10
C ARG A 286 13.42 6.95 21.43
N SER A 287 13.79 6.37 20.29
CA SER A 287 15.02 6.74 19.61
C SER A 287 15.02 8.23 19.32
N GLN A 288 13.89 8.72 18.84
CA GLN A 288 13.65 10.16 18.67
C GLN A 288 12.16 10.40 18.90
N SER A 289 11.77 11.66 19.10
CA SER A 289 10.35 11.98 19.19
C SER A 289 9.68 11.90 17.82
N PHE A 290 8.35 11.89 17.79
CA PHE A 290 7.60 11.86 16.54
C PHE A 290 8.02 13.03 15.64
N LYS A 291 8.12 14.23 16.22
CA LYS A 291 8.48 15.42 15.46
C LYS A 291 9.87 15.29 14.85
N GLU A 292 10.83 14.86 15.67
CA GLU A 292 12.19 14.64 15.22
C GLU A 292 12.25 13.67 14.03
N PHE A 293 11.57 12.54 14.15
CA PHE A 293 11.46 11.62 13.01
C PHE A 293 10.83 12.32 11.78
N MET A 294 9.78 13.11 12.01
CA MET A 294 9.16 13.86 10.90
C MET A 294 10.19 14.75 10.22
N TYR A 295 10.97 15.48 11.01
CA TYR A 295 11.96 16.39 10.45
C TYR A 295 13.05 15.65 9.68
N GLU A 296 13.37 14.45 10.13
CA GLU A 296 14.34 13.62 9.42
C GLU A 296 13.76 13.14 8.10
N TRP A 297 12.62 12.45 8.19
CA TRP A 297 12.10 11.69 7.07
C TRP A 297 11.24 12.50 6.09
N ILE A 298 10.35 13.35 6.61
CA ILE A 298 9.45 14.12 5.76
C ILE A 298 10.05 15.44 5.26
N ILE A 299 10.58 16.23 6.20
CA ILE A 299 11.15 17.52 5.81
C ILE A 299 12.52 17.32 5.18
N GLY A 300 13.44 16.74 5.93
CA GLY A 300 14.82 16.63 5.48
C GLY A 300 15.03 15.75 4.25
N GLN A 301 14.36 14.62 4.20
CA GLN A 301 14.54 13.73 3.07
C GLN A 301 13.48 13.92 2.00
N PHE A 302 12.21 13.66 2.35
CA PHE A 302 11.17 13.64 1.33
C PHE A 302 10.96 15.00 0.63
N GLU A 303 10.72 16.05 1.40
N GLU A 303 10.70 16.04 1.40
CA GLU A 303 10.41 17.35 0.79
CA GLU A 303 10.43 17.35 0.82
C GLU A 303 11.58 17.88 -0.04
C GLU A 303 11.57 17.75 -0.10
N ARG A 304 12.80 17.56 0.38
CA ARG A 304 14.00 17.92 -0.39
C ARG A 304 14.02 17.19 -1.74
N SER A 305 13.62 15.92 -1.74
CA SER A 305 13.53 15.15 -2.98
C SER A 305 12.42 15.68 -3.89
N LEU A 306 11.31 16.10 -3.28
CA LEU A 306 10.20 16.65 -4.03
C LEU A 306 10.66 17.90 -4.80
N ILE A 307 11.41 18.76 -4.11
CA ILE A 307 11.99 19.94 -4.73
C ILE A 307 12.98 19.57 -5.83
N ASP A 308 13.81 18.56 -5.59
CA ASP A 308 14.81 18.19 -6.58
C ASP A 308 14.18 17.76 -7.90
N LEU A 309 13.02 17.12 -7.81
CA LEU A 309 12.34 16.62 -9.02
C LEU A 309 11.63 17.72 -9.79
N GLY A 310 11.50 18.89 -9.18
CA GLY A 310 10.93 20.03 -9.88
C GLY A 310 9.58 20.49 -9.39
N LEU A 311 9.08 19.90 -8.31
CA LEU A 311 7.81 20.36 -7.73
C LEU A 311 8.02 21.43 -6.68
N ASP A 312 6.93 22.04 -6.22
CA ASP A 312 7.01 23.06 -5.17
C ASP A 312 6.58 22.49 -3.81
N LYS A 313 7.05 23.11 -2.74
CA LYS A 313 6.50 22.86 -1.41
C LYS A 313 4.99 22.95 -1.51
N PRO A 314 4.27 22.15 -0.73
CA PRO A 314 2.81 22.23 -0.78
C PRO A 314 2.32 23.60 -0.28
N TRP A 315 1.20 24.07 -0.82
CA TRP A 315 0.68 25.37 -0.40
C TRP A 315 0.46 25.43 1.11
N TYR A 316 0.14 24.29 1.71
CA TYR A 316 -0.20 24.26 3.13
C TYR A 316 1.03 24.06 4.03
N TRP A 317 2.21 24.31 3.50
CA TRP A 317 3.45 24.05 4.24
C TRP A 317 3.43 24.52 5.69
N ASP A 318 3.10 25.79 5.92
CA ASP A 318 3.14 26.32 7.27
C ASP A 318 2.13 25.68 8.24
N LEU A 319 0.93 25.37 7.74
CA LEU A 319 -0.08 24.65 8.54
C LEU A 319 0.44 23.27 8.92
N PHE A 320 1.11 22.63 7.98
CA PHE A 320 1.66 21.30 8.20
C PHE A 320 2.68 21.33 9.34
N LEU A 321 3.58 22.32 9.33
CA LEU A 321 4.60 22.43 10.36
C LEU A 321 4.00 22.62 11.75
N LYS A 322 3.00 23.49 11.83
CA LYS A 322 2.31 23.72 13.11
C LYS A 322 1.61 22.45 13.56
N ASP A 323 0.99 21.75 12.61
CA ASP A 323 0.33 20.47 12.87
C ASP A 323 1.30 19.45 13.47
N ILE A 324 2.53 19.43 12.98
CA ILE A 324 3.52 18.48 13.47
C ILE A 324 3.75 18.69 14.98
N ASP A 325 3.68 19.94 15.42
CA ASP A 325 3.86 20.29 16.83
C ASP A 325 2.69 19.90 17.72
N GLU A 326 1.51 19.70 17.13
CA GLU A 326 0.26 19.74 17.90
C GLU A 326 -0.72 18.60 17.70
N LEU A 327 -0.96 18.24 16.44
CA LEU A 327 -2.04 17.30 16.10
C LEU A 327 -1.99 15.95 16.86
N HIS A 328 -0.87 15.25 16.78
CA HIS A 328 -0.86 13.89 17.32
C HIS A 328 -1.08 13.85 18.84
N HIS A 329 -0.72 14.92 19.54
CA HIS A 329 -0.94 14.96 20.98
C HIS A 329 -2.42 14.86 21.26
N SER A 330 -3.21 15.52 20.42
CA SER A 330 -4.66 15.49 20.58
C SER A 330 -5.27 14.20 20.08
N TYR A 331 -4.75 13.69 18.96
CA TYR A 331 -5.17 12.39 18.45
C TYR A 331 -4.94 11.29 19.50
N HIS A 332 -3.78 11.32 20.14
CA HIS A 332 -3.46 10.36 21.19
C HIS A 332 -4.52 10.38 22.27
N MET A 333 -4.84 11.59 22.72
CA MET A 333 -5.82 11.80 23.77
C MET A 333 -7.19 11.23 23.37
N GLY A 334 -7.58 11.44 22.12
CA GLY A 334 -8.84 10.90 21.60
C GLY A 334 -8.85 9.38 21.53
N VAL A 335 -7.77 8.80 21.00
CA VAL A 335 -7.64 7.35 20.91
C VAL A 335 -7.70 6.71 22.29
N TRP A 336 -7.06 7.34 23.26
CA TRP A 336 -7.03 6.81 24.62
C TRP A 336 -8.37 6.99 25.36
N TYR A 337 -8.97 8.17 25.28
CA TYR A 337 -10.25 8.39 25.96
C TYR A 337 -11.31 7.43 25.41
N TRP A 338 -11.31 7.25 24.09
CA TRP A 338 -12.25 6.34 23.44
C TRP A 338 -11.60 4.98 23.16
N ARG A 339 -10.68 4.60 24.04
CA ARG A 339 -9.86 3.40 23.86
C ARG A 339 -10.67 2.12 23.67
N THR A 340 -11.89 2.10 24.19
CA THR A 340 -12.69 0.89 24.15
C THR A 340 -13.11 0.54 22.73
N THR A 341 -13.04 1.50 21.83
CA THR A 341 -13.37 1.26 20.43
C THR A 341 -12.13 0.91 19.59
N ALA A 342 -10.97 0.82 20.23
CA ALA A 342 -9.75 0.39 19.54
C ALA A 342 -9.53 -1.11 19.71
N TRP A 343 -8.74 -1.72 18.81
CA TRP A 343 -8.45 -3.14 18.94
C TRP A 343 -7.11 -3.39 19.63
N TRP A 344 -6.46 -2.31 20.06
CA TRP A 344 -5.23 -2.38 20.84
C TRP A 344 -5.45 -1.62 22.14
N ASN A 345 -4.51 -1.72 23.06
CA ASN A 345 -4.65 -1.12 24.37
C ASN A 345 -3.76 0.12 24.49
N PRO A 346 -4.33 1.32 24.25
CA PRO A 346 -3.51 2.53 24.27
C PRO A 346 -2.87 2.73 25.63
N ALA A 347 -1.61 3.13 25.65
CA ALA A 347 -0.96 3.56 26.88
C ALA A 347 -1.12 5.07 27.02
N ALA A 348 -1.45 5.52 28.22
CA ALA A 348 -1.67 6.95 28.45
C ALA A 348 -0.36 7.70 28.28
N GLY A 349 0.70 7.14 28.84
CA GLY A 349 2.04 7.66 28.64
C GLY A 349 2.25 9.03 29.25
N VAL A 350 1.67 9.24 30.42
CA VAL A 350 1.80 10.54 31.08
C VAL A 350 2.22 10.40 32.54
N THR A 351 3.19 9.52 32.80
CA THR A 351 3.84 9.49 34.10
C THR A 351 4.70 10.74 34.17
N PRO A 352 5.05 11.17 35.38
CA PRO A 352 5.82 12.41 35.52
C PRO A 352 7.08 12.39 34.65
N GLU A 353 7.73 11.24 34.57
CA GLU A 353 8.96 11.12 33.79
C GLU A 353 8.68 11.38 32.31
N GLU A 354 7.55 10.88 31.84
CA GLU A 354 7.16 11.05 30.45
C GLU A 354 6.74 12.49 30.15
N ARG A 355 6.09 13.14 31.10
CA ARG A 355 5.66 14.52 30.90
C ARG A 355 6.85 15.45 30.80
N ASP A 356 7.93 15.10 31.49
CA ASP A 356 9.18 15.86 31.41
C ASP A 356 9.80 15.75 30.02
N TRP A 357 9.78 14.54 29.47
CA TRP A 357 10.27 14.29 28.13
C TRP A 357 9.42 15.05 27.10
N LEU A 358 8.11 14.93 27.24
CA LEU A 358 7.18 15.61 26.34
C LEU A 358 7.34 17.14 26.37
N GLU A 359 7.61 17.69 27.55
CA GLU A 359 7.81 19.14 27.71
C GLU A 359 9.10 19.57 27.03
N GLU A 360 10.11 18.71 27.14
CA GLU A 360 11.38 18.97 26.48
C GLU A 360 11.27 18.85 24.96
N LYS A 361 10.51 17.87 24.49
CA LYS A 361 10.34 17.67 23.05
C LYS A 361 9.31 18.61 22.42
N TYR A 362 8.41 19.12 23.25
CA TYR A 362 7.32 19.98 22.81
C TYR A 362 7.06 21.00 23.90
N PRO A 363 7.91 22.02 23.99
CA PRO A 363 7.83 23.06 25.04
C PRO A 363 6.43 23.65 25.12
N GLY A 364 5.85 23.64 26.33
CA GLY A 364 4.52 24.18 26.55
C GLY A 364 3.46 23.10 26.61
N TRP A 365 3.89 21.85 26.48
CA TRP A 365 3.00 20.70 26.51
C TRP A 365 2.15 20.63 27.78
N ASN A 366 2.79 20.79 28.94
CA ASN A 366 2.11 20.64 30.21
C ASN A 366 1.01 21.68 30.43
N LYS A 367 1.19 22.86 29.84
CA LYS A 367 0.19 23.92 29.94
C LYS A 367 -0.93 23.71 28.93
N ARG A 368 -0.79 22.68 28.10
CA ARG A 368 -1.78 22.38 27.08
C ARG A 368 -2.45 21.03 27.28
N TRP A 369 -1.89 19.98 26.68
CA TRP A 369 -2.45 18.64 26.86
C TRP A 369 -2.33 18.22 28.32
N GLY A 370 -1.29 18.71 28.99
CA GLY A 370 -1.08 18.41 30.39
C GLY A 370 -2.25 18.80 31.29
N ARG A 371 -2.95 19.87 30.93
CA ARG A 371 -4.13 20.30 31.66
C ARG A 371 -5.22 19.23 31.66
N CYS A 372 -5.44 18.60 30.51
CA CYS A 372 -6.44 17.53 30.41
C CYS A 372 -5.99 16.26 31.14
N TRP A 373 -4.70 15.94 31.02
CA TRP A 373 -4.21 14.75 31.68
C TRP A 373 -4.19 14.94 33.18
N ASP A 374 -4.06 16.18 33.64
CA ASP A 374 -4.18 16.48 35.06
C ASP A 374 -5.54 16.08 35.59
N VAL A 375 -6.59 16.46 34.87
CA VAL A 375 -7.97 16.13 35.23
C VAL A 375 -8.18 14.62 35.19
N ILE A 376 -7.68 13.99 34.13
CA ILE A 376 -7.78 12.55 33.95
C ILE A 376 -7.07 11.80 35.08
N THR A 377 -5.82 12.18 35.31
CA THR A 377 -5.02 11.55 36.36
C THR A 377 -5.73 11.61 37.71
N GLU A 378 -6.41 12.72 37.98
CA GLU A 378 -7.13 12.91 39.23
C GLU A 378 -8.27 11.93 39.40
N ASN A 379 -9.12 11.84 38.38
CA ASN A 379 -10.24 10.90 38.42
C ASN A 379 -9.77 9.48 38.68
N VAL A 380 -8.60 9.15 38.15
CA VAL A 380 -8.05 7.81 38.32
C VAL A 380 -7.57 7.58 39.75
N LEU A 381 -6.92 8.59 40.33
CA LEU A 381 -6.48 8.52 41.70
C LEU A 381 -7.65 8.56 42.69
N ASN A 382 -8.86 8.74 42.18
CA ASN A 382 -10.04 8.80 43.03
C ASN A 382 -11.14 7.84 42.60
N ASP A 383 -10.76 6.85 41.80
CA ASP A 383 -11.67 5.77 41.38
C ASP A 383 -12.99 6.25 40.76
N ARG A 384 -12.98 7.45 40.16
CA ARG A 384 -14.12 7.92 39.39
C ARG A 384 -13.93 7.45 37.95
N MET A 385 -13.86 6.14 37.78
CA MET A 385 -13.55 5.56 36.48
C MET A 385 -14.63 5.85 35.46
N ASP A 386 -15.79 6.29 35.94
CA ASP A 386 -16.90 6.61 35.05
C ASP A 386 -16.60 7.88 34.27
N LEU A 387 -15.74 8.73 34.82
CA LEU A 387 -15.38 10.00 34.18
C LEU A 387 -14.20 9.81 33.22
N VAL A 388 -13.68 8.59 33.16
CA VAL A 388 -12.55 8.28 32.30
C VAL A 388 -12.99 7.39 31.15
N SER A 389 -14.30 7.23 31.01
CA SER A 389 -14.89 6.57 29.85
C SER A 389 -15.99 7.46 29.26
N PRO A 390 -16.07 7.51 27.93
CA PRO A 390 -16.96 8.43 27.19
C PRO A 390 -18.43 8.04 27.25
N GLU A 391 -19.31 9.02 27.17
CA GLU A 391 -20.73 8.75 27.10
C GLU A 391 -21.35 9.40 25.87
N THR A 392 -20.50 9.78 24.93
CA THR A 392 -20.96 10.24 23.63
C THR A 392 -19.90 9.98 22.57
N LEU A 393 -20.20 10.38 21.33
CA LEU A 393 -19.24 10.24 20.26
C LEU A 393 -18.43 11.51 20.10
N PRO A 394 -17.19 11.36 19.65
CA PRO A 394 -16.43 12.54 19.20
C PRO A 394 -16.98 12.96 17.85
N SER A 395 -16.82 14.24 17.50
CA SER A 395 -17.20 14.71 16.18
C SER A 395 -16.10 14.27 15.20
N VAL A 396 -16.52 13.66 14.10
CA VAL A 396 -15.58 13.01 13.20
C VAL A 396 -15.45 13.77 11.87
N CYS A 397 -14.22 13.85 11.36
CA CYS A 397 -13.91 14.55 10.11
C CYS A 397 -14.58 13.78 8.97
N ASN A 398 -15.11 14.50 7.98
CA ASN A 398 -15.69 13.82 6.80
C ASN A 398 -14.67 13.41 5.75
N MET A 399 -13.41 13.75 5.97
CA MET A 399 -12.36 13.31 5.07
C MET A 399 -11.57 12.20 5.73
N SER A 400 -10.87 12.54 6.80
CA SER A 400 -9.92 11.60 7.39
C SER A 400 -10.59 10.57 8.30
N GLN A 401 -11.85 10.78 8.68
CA GLN A 401 -12.59 9.83 9.54
C GLN A 401 -12.04 9.81 10.96
N ILE A 402 -11.43 10.91 11.37
CA ILE A 402 -10.77 11.02 12.67
C ILE A 402 -11.38 12.18 13.44
N PRO A 403 -11.37 12.12 14.78
CA PRO A 403 -12.06 13.18 15.52
C PRO A 403 -11.55 14.60 15.22
N LEU A 404 -12.41 15.58 15.40
CA LEU A 404 -12.09 16.99 15.17
C LEU A 404 -11.47 17.57 16.42
N VAL A 405 -10.20 17.93 16.34
CA VAL A 405 -9.45 18.32 17.53
C VAL A 405 -8.83 19.70 17.45
N GLY A 406 -8.30 20.15 18.59
CA GLY A 406 -7.55 21.39 18.65
C GLY A 406 -6.53 21.35 19.76
N VAL A 407 -6.04 22.52 20.15
CA VAL A 407 -5.15 22.63 21.29
C VAL A 407 -5.94 22.94 22.56
N PRO A 408 -5.83 22.07 23.57
CA PRO A 408 -6.55 22.27 24.84
C PRO A 408 -5.76 23.15 25.81
N GLY A 409 -6.34 23.45 26.96
CA GLY A 409 -5.61 24.09 28.04
C GLY A 409 -5.48 25.60 27.99
N ASP A 410 -4.37 26.09 28.53
CA ASP A 410 -4.13 27.52 28.71
C ASP A 410 -4.48 28.38 27.51
N ASP A 411 -3.95 28.04 26.34
CA ASP A 411 -4.27 28.79 25.13
C ASP A 411 -5.21 28.03 24.19
N TRP A 412 -6.31 27.52 24.76
CA TRP A 412 -7.32 26.79 24.00
C TRP A 412 -7.56 27.41 22.62
N ASN A 413 -7.52 26.56 21.60
CA ASN A 413 -7.86 26.98 20.25
C ASN A 413 -8.25 25.78 19.42
N ILE A 414 -9.46 25.81 18.87
CA ILE A 414 -9.94 24.72 18.04
C ILE A 414 -10.77 25.26 16.88
N GLU A 415 -10.52 24.73 15.69
CA GLU A 415 -11.29 25.17 14.52
C GLU A 415 -11.76 24.02 13.65
N VAL A 416 -13.06 24.05 13.35
CA VAL A 416 -13.69 23.14 12.41
C VAL A 416 -13.94 23.88 11.11
N PHE A 417 -13.69 23.22 9.99
CA PHE A 417 -13.90 23.83 8.68
C PHE A 417 -15.05 23.14 7.98
N SER A 418 -16.19 23.82 7.89
CA SER A 418 -17.43 23.19 7.43
C SER A 418 -17.75 23.51 5.98
N LEU A 419 -18.64 22.72 5.41
CA LEU A 419 -18.99 22.86 4.01
C LEU A 419 -20.40 22.35 3.73
N GLU A 420 -21.23 23.21 3.14
CA GLU A 420 -22.50 22.75 2.58
C GLU A 420 -22.24 22.32 1.15
N HIS A 421 -22.73 21.14 0.80
CA HIS A 421 -22.56 20.63 -0.55
C HIS A 421 -23.75 19.74 -0.90
N ASN A 422 -24.40 20.06 -2.01
CA ASN A 422 -25.62 19.35 -2.40
C ASN A 422 -26.61 19.18 -1.26
N GLY A 423 -26.81 20.24 -0.47
CA GLY A 423 -27.79 20.21 0.59
C GLY A 423 -27.35 19.54 1.87
N ARG A 424 -26.15 18.96 1.87
CA ARG A 424 -25.64 18.27 3.06
C ARG A 424 -24.55 19.07 3.75
N LEU A 425 -24.51 19.00 5.07
CA LEU A 425 -23.46 19.67 5.83
C LEU A 425 -22.33 18.69 6.18
N TYR A 426 -21.10 19.03 5.78
CA TYR A 426 -19.90 18.24 6.08
C TYR A 426 -18.93 19.02 6.99
N HIS A 427 -18.12 18.30 7.77
CA HIS A 427 -17.20 18.96 8.69
C HIS A 427 -15.78 18.44 8.52
N PHE A 428 -14.82 19.34 8.42
CA PHE A 428 -13.42 18.93 8.24
C PHE A 428 -12.52 19.50 9.33
N GLY A 429 -11.46 18.77 9.65
CA GLY A 429 -10.56 19.16 10.72
C GLY A 429 -9.44 20.11 10.33
N SER A 430 -9.40 20.51 9.06
CA SER A 430 -8.42 21.49 8.57
C SER A 430 -8.88 22.10 7.24
N GLU A 431 -8.28 23.23 6.87
CA GLU A 431 -8.50 23.85 5.56
C GLU A 431 -8.14 22.86 4.46
N VAL A 432 -7.04 22.13 4.66
CA VAL A 432 -6.55 21.20 3.65
C VAL A 432 -7.56 20.06 3.40
N ASP A 433 -8.10 19.48 4.46
CA ASP A 433 -9.08 18.41 4.30
C ASP A 433 -10.32 18.88 3.52
N ARG A 434 -10.82 20.07 3.86
CA ARG A 434 -11.92 20.65 3.08
C ARG A 434 -11.51 20.87 1.63
N TRP A 435 -10.29 21.37 1.43
CA TRP A 435 -9.76 21.58 0.08
C TRP A 435 -9.72 20.27 -0.71
N VAL A 436 -9.27 19.19 -0.06
CA VAL A 436 -9.23 17.88 -0.70
C VAL A 436 -10.62 17.43 -1.18
N PHE A 437 -11.62 17.62 -0.34
CA PHE A 437 -12.99 17.26 -0.71
C PHE A 437 -13.38 18.06 -1.94
N GLN A 438 -13.13 19.35 -1.91
CA GLN A 438 -13.51 20.22 -3.02
C GLN A 438 -12.77 19.93 -4.31
N GLN A 439 -11.61 19.27 -4.22
CA GLN A 439 -10.89 18.88 -5.42
C GLN A 439 -11.60 17.78 -6.21
N ASP A 440 -12.39 16.94 -5.54
CA ASP A 440 -12.95 15.78 -6.22
C ASP A 440 -14.20 15.27 -5.52
N PRO A 441 -15.26 16.09 -5.50
CA PRO A 441 -16.45 15.76 -4.74
C PRO A 441 -17.09 14.42 -5.10
N VAL A 442 -16.98 13.97 -6.35
CA VAL A 442 -17.69 12.73 -6.70
C VAL A 442 -17.08 11.55 -5.95
N GLN A 443 -15.81 11.68 -5.58
CA GLN A 443 -15.09 10.65 -4.81
C GLN A 443 -15.66 10.48 -3.41
N TYR A 444 -16.14 11.58 -2.83
CA TYR A 444 -16.37 11.65 -1.38
C TYR A 444 -17.82 11.95 -0.95
N GLN A 445 -18.57 12.64 -1.81
CA GLN A 445 -19.82 13.30 -1.37
C GLN A 445 -20.85 12.41 -0.72
N ASN A 446 -21.01 11.18 -1.20
CA ASN A 446 -22.01 10.29 -0.62
C ASN A 446 -21.47 9.30 0.42
N HIS A 447 -20.19 9.45 0.75
CA HIS A 447 -19.64 8.67 1.85
C HIS A 447 -20.20 9.19 3.17
N MET A 448 -20.46 8.27 4.09
CA MET A 448 -20.94 8.64 5.42
C MET A 448 -19.99 8.13 6.49
N ASN A 449 -19.55 9.04 7.36
CA ASN A 449 -18.64 8.62 8.43
C ASN A 449 -19.43 7.98 9.57
N ILE A 450 -18.73 7.60 10.62
CA ILE A 450 -19.38 6.87 11.72
C ILE A 450 -20.47 7.70 12.40
N VAL A 451 -20.19 8.98 12.62
CA VAL A 451 -21.17 9.89 13.22
C VAL A 451 -22.43 10.05 12.35
N ASP A 452 -22.25 10.31 11.05
CA ASP A 452 -23.34 10.34 10.10
C ASP A 452 -24.21 9.09 10.18
N ARG A 453 -23.57 7.93 10.15
CA ARG A 453 -24.30 6.67 10.19
C ARG A 453 -25.09 6.56 11.49
N PHE A 454 -24.47 7.00 12.58
CA PHE A 454 -25.11 6.95 13.89
C PHE A 454 -26.37 7.82 13.91
N LEU A 455 -26.27 9.00 13.29
CA LEU A 455 -27.39 9.94 13.26
C LEU A 455 -28.45 9.50 12.27
N ALA A 456 -28.06 8.74 11.25
CA ALA A 456 -29.03 8.22 10.28
C ALA A 456 -29.75 6.95 10.75
N GLY A 457 -29.41 6.46 11.93
CA GLY A 457 -30.07 5.28 12.49
C GLY A 457 -29.49 3.94 12.05
N GLN A 458 -28.30 3.95 11.48
CA GLN A 458 -27.70 2.71 10.98
C GLN A 458 -27.02 1.90 12.09
N ILE A 459 -26.77 2.55 13.22
CA ILE A 459 -26.10 1.89 14.35
C ILE A 459 -27.09 1.69 15.50
N GLN A 460 -27.45 0.42 15.73
CA GLN A 460 -28.47 0.08 16.71
C GLN A 460 -28.01 -1.04 17.63
N PRO A 461 -28.25 -0.89 18.94
CA PRO A 461 -28.88 0.29 19.52
C PRO A 461 -27.94 1.49 19.56
N MET A 462 -28.52 2.68 19.71
CA MET A 462 -27.74 3.91 19.68
C MET A 462 -27.02 4.18 21.00
N THR A 463 -26.10 3.28 21.34
CA THR A 463 -25.42 3.30 22.63
C THR A 463 -24.00 2.84 22.40
N LEU A 464 -23.17 2.95 23.43
CA LEU A 464 -21.77 2.56 23.29
C LEU A 464 -21.66 1.10 22.86
N GLU A 465 -22.50 0.25 23.44
CA GLU A 465 -22.46 -1.18 23.09
C GLU A 465 -22.91 -1.43 21.66
N GLY A 466 -23.95 -0.71 21.23
CA GLY A 466 -24.41 -0.81 19.86
C GLY A 466 -23.32 -0.47 18.85
N ALA A 467 -22.55 0.57 19.17
CA ALA A 467 -21.48 1.01 18.28
C ALA A 467 -20.35 -0.01 18.27
N LEU A 468 -20.04 -0.57 19.43
CA LEU A 468 -18.98 -1.58 19.51
C LEU A 468 -19.37 -2.82 18.71
N LYS A 469 -20.64 -3.20 18.78
CA LYS A 469 -21.12 -4.31 17.97
C LYS A 469 -20.99 -3.96 16.50
N TYR A 470 -21.49 -2.80 16.11
CA TYR A 470 -21.39 -2.34 14.73
C TYR A 470 -19.92 -2.37 14.25
N MET A 471 -19.00 -2.03 15.13
CA MET A 471 -17.58 -1.98 14.77
C MET A 471 -16.93 -3.36 14.62
N GLY A 472 -17.67 -4.42 14.92
CA GLY A 472 -17.19 -5.76 14.63
C GLY A 472 -16.51 -6.50 15.78
N PHE A 473 -16.57 -5.91 16.97
CA PHE A 473 -15.99 -6.57 18.15
C PHE A 473 -16.75 -7.87 18.42
N GLN A 474 -16.04 -8.93 18.82
CA GLN A 474 -16.67 -10.24 18.97
C GLN A 474 -16.54 -10.81 20.37
N SER A 475 -15.78 -10.13 21.23
CA SER A 475 -15.72 -10.49 22.63
C SER A 475 -15.20 -9.34 23.47
N ILE A 476 -15.38 -9.44 24.78
CA ILE A 476 -14.94 -8.42 25.71
C ILE A 476 -13.44 -8.16 25.59
N GLU A 477 -12.67 -9.24 25.49
CA GLU A 477 -11.21 -9.16 25.45
C GLU A 477 -10.68 -8.27 24.33
N GLU A 478 -11.40 -8.24 23.21
CA GLU A 478 -10.95 -7.55 22.01
C GLU A 478 -10.98 -6.03 22.14
N MET A 479 -11.82 -5.55 23.04
CA MET A 479 -12.01 -4.11 23.19
C MET A 479 -10.83 -3.45 23.91
N GLY A 480 -10.42 -2.29 23.42
CA GLY A 480 -9.24 -1.61 23.95
C GLY A 480 -9.37 -1.13 25.39
N LYS A 481 -8.28 -1.24 26.15
CA LYS A 481 -8.24 -0.76 27.53
C LYS A 481 -6.92 -0.07 27.78
N ASP A 482 -6.75 0.57 28.93
CA ASP A 482 -5.46 1.16 29.26
C ASP A 482 -4.38 0.07 29.28
N ALA A 483 -3.27 0.32 28.60
CA ALA A 483 -2.20 -0.68 28.45
C ALA A 483 -1.69 -1.24 29.78
N HIS A 484 -1.54 -0.37 30.77
CA HIS A 484 -0.99 -0.78 32.06
C HIS A 484 -2.03 -0.95 33.16
N ASP A 485 -3.29 -1.12 32.77
CA ASP A 485 -4.37 -1.21 33.74
C ASP A 485 -4.29 -0.05 34.74
N PHE A 486 -3.87 1.12 34.26
CA PHE A 486 -3.81 2.36 35.05
C PHE A 486 -2.69 2.41 36.08
N ALA A 487 -1.81 1.41 36.07
CA ALA A 487 -0.71 1.36 37.03
C ALA A 487 0.20 2.59 36.95
N TRP A 488 0.09 3.34 35.85
CA TRP A 488 0.93 4.53 35.69
C TRP A 488 0.53 5.62 36.69
N ALA A 489 -0.69 5.53 37.21
CA ALA A 489 -1.18 6.52 38.15
C ALA A 489 -0.35 6.51 39.44
N ASP A 490 0.28 5.37 39.71
CA ASP A 490 1.04 5.19 40.93
C ASP A 490 2.34 5.97 40.91
N LYS A 491 2.81 6.33 39.71
CA LYS A 491 3.99 7.19 39.59
C LYS A 491 3.62 8.65 39.80
N CYS A 492 2.32 8.92 39.95
CA CYS A 492 1.81 10.27 40.06
C CYS A 492 1.56 10.68 41.52
N SER B 2 -25.87 -10.07 24.85
CA SER B 2 -24.82 -9.06 24.68
C SER B 2 -23.47 -9.71 24.38
N PHE B 3 -22.40 -9.00 24.73
CA PHE B 3 -21.05 -9.50 24.52
C PHE B 3 -20.70 -10.62 25.52
N GLU B 4 -19.79 -11.48 25.10
CA GLU B 4 -19.34 -12.58 25.92
C GLU B 4 -17.84 -12.54 26.05
N SER B 5 -17.31 -13.21 27.08
CA SER B 5 -15.87 -13.38 27.22
C SER B 5 -15.48 -14.68 26.52
N LYS B 6 -14.45 -14.61 25.67
CA LYS B 6 -14.08 -15.76 24.85
C LYS B 6 -12.60 -16.09 24.95
N LYS B 7 -12.27 -17.36 24.77
CA LYS B 7 -10.88 -17.82 24.77
C LYS B 7 -10.15 -17.34 23.50
N PRO B 8 -8.83 -17.16 23.57
CA PRO B 8 -8.08 -16.95 22.34
C PRO B 8 -8.28 -18.11 21.38
N MET B 9 -8.31 -17.82 20.08
CA MET B 9 -8.49 -18.84 19.07
C MET B 9 -7.11 -19.27 18.57
N ARG B 10 -6.99 -20.50 18.05
CA ARG B 10 -5.68 -21.01 17.65
C ARG B 10 -5.22 -20.42 16.32
N THR B 11 -6.15 -19.77 15.61
CA THR B 11 -5.87 -19.18 14.32
C THR B 11 -6.84 -18.03 14.10
N TRP B 12 -6.86 -17.44 12.91
CA TRP B 12 -7.80 -16.36 12.63
C TRP B 12 -9.23 -16.83 12.91
N SER B 13 -10.08 -15.91 13.38
CA SER B 13 -11.49 -16.22 13.62
C SER B 13 -12.15 -16.90 12.42
N HIS B 14 -11.79 -16.51 11.20
CA HIS B 14 -12.46 -17.10 10.04
C HIS B 14 -12.00 -18.53 9.70
N LEU B 15 -10.86 -18.94 10.25
CA LEU B 15 -10.35 -20.28 9.98
C LEU B 15 -10.59 -21.21 11.16
N ALA B 16 -11.13 -20.67 12.24
CA ALA B 16 -11.23 -21.42 13.50
C ALA B 16 -12.12 -22.67 13.43
N GLU B 17 -12.93 -22.79 12.39
CA GLU B 17 -13.84 -23.94 12.25
CA GLU B 17 -13.82 -23.95 12.27
C GLU B 17 -13.26 -25.05 11.37
N MET B 18 -12.08 -24.83 10.78
CA MET B 18 -11.47 -25.87 9.97
C MET B 18 -11.21 -27.11 10.83
N ARG B 19 -11.40 -28.30 10.26
CA ARG B 19 -11.13 -29.51 11.02
C ARG B 19 -9.70 -30.00 10.78
N LYS B 20 -8.90 -29.17 10.15
CA LYS B 20 -7.47 -29.41 9.97
C LYS B 20 -6.70 -28.17 10.42
N LYS B 21 -5.48 -28.36 10.93
CA LYS B 21 -4.65 -27.22 11.31
C LYS B 21 -4.39 -26.34 10.10
N PRO B 22 -4.62 -25.03 10.24
CA PRO B 22 -4.38 -24.09 9.14
C PRO B 22 -2.94 -24.14 8.66
N SER B 23 -2.77 -24.21 7.34
CA SER B 23 -1.44 -24.25 6.75
C SER B 23 -0.94 -22.83 6.55
N GLU B 24 0.33 -22.69 6.17
CA GLU B 24 0.88 -21.40 5.76
C GLU B 24 -0.03 -20.75 4.71
N TYR B 25 -0.45 -21.55 3.74
CA TYR B 25 -1.32 -21.05 2.68
C TYR B 25 -2.64 -20.48 3.23
N ASP B 26 -3.31 -21.22 4.10
CA ASP B 26 -4.58 -20.74 4.68
C ASP B 26 -4.39 -19.43 5.43
N ILE B 27 -3.34 -19.38 6.23
CA ILE B 27 -3.08 -18.25 7.11
C ILE B 27 -2.88 -16.94 6.34
N VAL B 28 -2.10 -16.99 5.27
CA VAL B 28 -1.71 -15.75 4.58
C VAL B 28 -2.51 -15.43 3.31
N SER B 29 -3.40 -16.31 2.89
CA SER B 29 -4.05 -16.16 1.58
C SER B 29 -5.57 -15.90 1.61
N ARG B 30 -6.23 -16.30 2.69
CA ARG B 30 -7.68 -16.44 2.63
C ARG B 30 -8.50 -15.25 3.09
N LYS B 31 -9.47 -14.89 2.25
N LYS B 31 -9.50 -14.91 2.27
CA LYS B 31 -10.45 -13.87 2.61
CA LYS B 31 -10.45 -13.87 2.60
C LYS B 31 -9.83 -12.52 2.91
C LYS B 31 -9.79 -12.53 2.92
N LEU B 32 -9.04 -12.01 1.95
CA LEU B 32 -8.35 -10.74 2.10
C LEU B 32 -8.99 -9.58 1.31
N HIS B 33 -9.94 -9.88 0.42
CA HIS B 33 -10.65 -8.79 -0.27
C HIS B 33 -11.80 -8.26 0.58
N TYR B 34 -11.60 -7.15 1.27
CA TYR B 34 -12.68 -6.54 2.05
C TYR B 34 -13.66 -5.84 1.10
N SER B 35 -13.21 -5.58 -0.12
CA SER B 35 -14.02 -4.87 -1.12
C SER B 35 -15.25 -5.64 -1.55
N THR B 36 -15.35 -6.91 -1.15
CA THR B 36 -16.52 -7.71 -1.47
C THR B 36 -17.54 -7.73 -0.33
N ASN B 37 -17.23 -7.03 0.77
CA ASN B 37 -18.09 -7.08 1.94
C ASN B 37 -19.42 -6.31 1.81
N ASN B 38 -19.33 -5.15 1.18
CA ASN B 38 -20.49 -4.27 0.99
CA ASN B 38 -20.49 -4.30 0.98
C ASN B 38 -20.87 -4.17 -0.48
N PRO B 39 -21.92 -4.88 -0.89
CA PRO B 39 -22.39 -4.89 -2.29
C PRO B 39 -22.63 -3.47 -2.79
N ASP B 40 -23.14 -2.62 -1.92
CA ASP B 40 -23.49 -1.24 -2.29
C ASP B 40 -22.27 -0.38 -2.56
N SER B 41 -21.20 -0.64 -1.83
N SER B 41 -21.18 -0.66 -1.85
CA SER B 41 -19.99 0.18 -1.92
CA SER B 41 -19.99 0.18 -1.92
C SER B 41 -18.74 -0.65 -1.65
C SER B 41 -18.74 -0.64 -1.65
N PRO B 42 -18.21 -1.29 -2.70
CA PRO B 42 -17.00 -2.10 -2.59
C PRO B 42 -15.91 -1.36 -1.84
N TRP B 43 -15.63 -0.12 -2.24
CA TRP B 43 -14.56 0.68 -1.63
C TRP B 43 -15.13 1.72 -0.68
N GLU B 44 -14.34 2.08 0.33
CA GLU B 44 -14.78 2.95 1.42
C GLU B 44 -14.78 4.43 1.01
N LEU B 45 -15.60 4.76 0.02
CA LEU B 45 -15.66 6.10 -0.57
C LEU B 45 -17.11 6.42 -0.82
N SER B 46 -17.40 7.47 -1.59
CA SER B 46 -18.76 7.68 -2.02
C SER B 46 -19.20 6.40 -2.74
N PRO B 47 -20.40 5.88 -2.42
CA PRO B 47 -20.81 4.62 -3.05
C PRO B 47 -20.92 4.68 -4.58
N ASP B 48 -21.06 5.89 -5.13
N ASP B 48 -21.04 5.89 -5.14
CA ASP B 48 -21.10 6.06 -6.58
CA ASP B 48 -21.07 6.00 -6.60
C ASP B 48 -19.83 6.70 -7.17
C ASP B 48 -19.82 6.67 -7.18
N SER B 49 -18.71 6.59 -6.46
CA SER B 49 -17.43 7.05 -7.01
C SER B 49 -17.13 6.21 -8.24
N PRO B 50 -16.29 6.72 -9.15
CA PRO B 50 -16.04 6.00 -10.40
C PRO B 50 -15.54 4.56 -10.21
N MET B 51 -14.60 4.33 -9.30
CA MET B 51 -14.12 2.96 -9.12
C MET B 51 -15.18 2.06 -8.46
N ASN B 52 -16.06 2.64 -7.65
CA ASN B 52 -17.13 1.84 -7.05
C ASN B 52 -18.13 1.39 -8.11
N LEU B 53 -18.42 2.28 -9.05
CA LEU B 53 -19.31 1.96 -10.17
C LEU B 53 -18.67 0.90 -11.07
N TRP B 54 -17.36 1.06 -11.32
CA TRP B 54 -16.62 0.08 -12.11
C TRP B 54 -16.72 -1.32 -11.49
N TYR B 55 -16.42 -1.44 -10.20
CA TYR B 55 -16.47 -2.74 -9.53
C TYR B 55 -17.89 -3.30 -9.43
N LYS B 56 -18.87 -2.46 -9.13
CA LYS B 56 -20.25 -2.93 -9.10
C LYS B 56 -20.69 -3.52 -10.45
N GLN B 57 -20.19 -2.95 -11.55
CA GLN B 57 -20.55 -3.46 -12.88
C GLN B 57 -19.73 -4.67 -13.33
N TYR B 58 -18.41 -4.58 -13.18
CA TYR B 58 -17.52 -5.57 -13.78
C TYR B 58 -17.11 -6.73 -12.85
N ARG B 59 -17.39 -6.60 -11.56
CA ARG B 59 -17.24 -7.73 -10.65
C ARG B 59 -18.59 -8.18 -10.10
N ASN B 60 -19.24 -7.32 -9.32
CA ASN B 60 -20.46 -7.70 -8.60
C ASN B 60 -21.57 -8.20 -9.52
N ALA B 61 -21.74 -7.52 -10.66
CA ALA B 61 -22.80 -7.85 -11.60
C ALA B 61 -22.41 -8.89 -12.66
N SER B 62 -21.23 -9.50 -12.52
CA SER B 62 -20.83 -10.53 -13.47
C SER B 62 -21.90 -11.63 -13.50
N PRO B 63 -22.18 -12.19 -14.68
CA PRO B 63 -23.10 -13.32 -14.76
C PRO B 63 -22.50 -14.60 -14.16
N LEU B 64 -21.18 -14.64 -14.05
CA LEU B 64 -20.53 -15.75 -13.36
C LEU B 64 -20.73 -15.57 -11.85
N LYS B 65 -21.54 -16.43 -11.25
CA LYS B 65 -21.99 -16.22 -9.87
C LYS B 65 -21.71 -17.39 -8.93
N HIS B 66 -21.25 -17.06 -7.74
CA HIS B 66 -21.05 -18.05 -6.69
C HIS B 66 -21.24 -17.37 -5.35
N ASP B 67 -21.84 -18.09 -4.40
CA ASP B 67 -22.11 -17.50 -3.10
C ASP B 67 -20.88 -17.52 -2.18
N ASN B 68 -19.85 -18.26 -2.58
CA ASN B 68 -18.65 -18.35 -1.76
C ASN B 68 -17.37 -18.49 -2.58
N TRP B 69 -17.04 -17.47 -3.34
CA TRP B 69 -15.83 -17.46 -4.14
C TRP B 69 -14.61 -17.65 -3.26
N ASP B 70 -14.69 -17.14 -2.03
CA ASP B 70 -13.55 -17.16 -1.12
C ASP B 70 -13.09 -18.56 -0.76
N ALA B 71 -13.97 -19.53 -0.95
CA ALA B 71 -13.64 -20.91 -0.59
C ALA B 71 -12.73 -21.54 -1.62
N PHE B 72 -12.51 -20.86 -2.75
CA PHE B 72 -11.57 -21.36 -3.75
C PHE B 72 -10.18 -21.59 -3.15
N THR B 73 -9.52 -22.64 -3.61
CA THR B 73 -8.19 -23.00 -3.17
C THR B 73 -7.28 -23.24 -4.34
N ASP B 74 -6.16 -22.53 -4.39
CA ASP B 74 -5.09 -22.90 -5.32
C ASP B 74 -4.75 -24.37 -5.09
N PRO B 75 -5.00 -25.23 -6.09
CA PRO B 75 -4.63 -26.64 -5.87
C PRO B 75 -3.15 -26.79 -5.49
N ASP B 76 -2.30 -25.84 -5.88
CA ASP B 76 -0.89 -25.88 -5.51
C ASP B 76 -0.62 -25.21 -4.15
N GLN B 77 -1.60 -24.46 -3.66
CA GLN B 77 -1.43 -23.77 -2.38
C GLN B 77 -0.11 -22.98 -2.32
N LEU B 78 0.23 -22.32 -3.42
CA LEU B 78 1.46 -21.53 -3.47
C LEU B 78 1.32 -20.23 -2.71
N VAL B 79 2.36 -19.85 -1.98
CA VAL B 79 2.43 -18.52 -1.37
C VAL B 79 3.65 -17.81 -1.96
N TYR B 80 3.81 -16.53 -1.67
CA TYR B 80 4.95 -15.79 -2.21
C TYR B 80 6.26 -16.55 -1.93
N ARG B 81 6.46 -16.94 -0.68
CA ARG B 81 7.70 -17.60 -0.26
C ARG B 81 8.02 -18.85 -1.07
N THR B 82 7.02 -19.72 -1.22
CA THR B 82 7.22 -20.97 -1.96
C THR B 82 7.27 -20.78 -3.47
N TYR B 83 6.56 -19.79 -3.98
CA TYR B 83 6.70 -19.43 -5.39
C TYR B 83 8.16 -19.08 -5.72
N ASN B 84 8.76 -18.19 -4.93
CA ASN B 84 10.16 -17.81 -5.18
C ASN B 84 11.12 -19.00 -5.05
N LEU B 85 10.90 -19.88 -4.07
CA LEU B 85 11.73 -21.08 -3.95
C LEU B 85 11.64 -21.90 -5.23
N MET B 86 10.41 -22.19 -5.63
CA MET B 86 10.19 -22.97 -6.84
C MET B 86 10.78 -22.30 -8.09
N GLN B 87 10.50 -21.02 -8.28
CA GLN B 87 10.93 -20.33 -9.50
C GLN B 87 12.41 -19.98 -9.52
N ASP B 88 13.00 -19.77 -8.34
CA ASP B 88 14.45 -19.60 -8.30
C ASP B 88 15.10 -20.91 -8.79
N GLY B 89 14.50 -22.03 -8.41
CA GLY B 89 14.94 -23.33 -8.90
C GLY B 89 14.83 -23.47 -10.41
N GLN B 90 13.63 -23.24 -10.96
CA GLN B 90 13.44 -23.31 -12.41
C GLN B 90 14.27 -22.27 -13.15
N GLU B 91 14.32 -21.06 -12.63
CA GLU B 91 14.99 -19.98 -13.35
C GLU B 91 16.51 -20.10 -13.29
N SER B 92 17.05 -20.58 -12.18
N SER B 92 17.06 -20.58 -12.18
CA SER B 92 18.49 -20.84 -12.07
CA SER B 92 18.51 -20.82 -12.11
C SER B 92 18.90 -21.87 -13.12
C SER B 92 18.91 -21.90 -13.11
N TYR B 93 18.05 -22.89 -13.27
CA TYR B 93 18.25 -23.94 -14.27
C TYR B 93 18.23 -23.38 -15.70
N VAL B 94 17.23 -22.55 -16.01
CA VAL B 94 17.15 -21.94 -17.33
C VAL B 94 18.37 -21.07 -17.60
N GLN B 95 18.75 -20.26 -16.61
CA GLN B 95 19.91 -19.38 -16.78
C GLN B 95 21.20 -20.20 -16.96
N SER B 96 21.29 -21.32 -16.26
CA SER B 96 22.39 -22.27 -16.44
C SER B 96 22.43 -22.85 -17.84
N LEU B 97 21.26 -23.21 -18.37
CA LEU B 97 21.15 -23.61 -19.78
C LEU B 97 21.66 -22.49 -20.71
N PHE B 98 21.18 -21.27 -20.52
CA PHE B 98 21.64 -20.15 -21.35
C PHE B 98 23.16 -20.06 -21.35
N ASP B 99 23.74 -20.05 -20.15
CA ASP B 99 25.18 -19.95 -19.99
C ASP B 99 25.91 -21.10 -20.67
N GLN B 100 25.45 -22.32 -20.44
CA GLN B 100 26.10 -23.52 -20.96
C GLN B 100 26.01 -23.63 -22.48
N PHE B 101 24.84 -23.32 -23.04
CA PHE B 101 24.64 -23.42 -24.48
C PHE B 101 25.39 -22.31 -25.21
N ASN B 102 25.46 -21.13 -24.60
CA ASN B 102 26.30 -20.07 -25.13
C ASN B 102 27.78 -20.47 -25.14
N GLU B 103 28.25 -21.06 -24.04
CA GLU B 103 29.63 -21.54 -23.96
C GLU B 103 29.94 -22.46 -25.12
N ARG B 104 28.98 -23.33 -25.44
CA ARG B 104 29.18 -24.33 -26.48
C ARG B 104 28.76 -23.81 -27.86
N GLU B 105 28.48 -22.52 -27.96
CA GLU B 105 28.20 -21.89 -29.25
C GLU B 105 27.03 -22.55 -29.98
N HIS B 106 26.00 -22.90 -29.20
CA HIS B 106 24.78 -23.50 -29.75
C HIS B 106 24.27 -22.75 -30.99
N ASP B 107 24.16 -21.43 -30.87
CA ASP B 107 23.49 -20.66 -31.89
C ASP B 107 24.14 -20.77 -33.27
N GLN B 108 25.45 -20.98 -33.30
CA GLN B 108 26.17 -21.08 -34.57
C GLN B 108 25.78 -22.34 -35.33
N MET B 109 25.28 -23.34 -34.61
N MET B 109 25.29 -23.34 -34.61
CA MET B 109 25.08 -24.66 -35.20
CA MET B 109 25.08 -24.66 -35.20
C MET B 109 23.64 -24.93 -35.63
C MET B 109 23.63 -24.95 -35.59
N VAL B 110 22.76 -23.95 -35.48
CA VAL B 110 21.37 -24.12 -35.93
C VAL B 110 21.35 -24.19 -37.45
N ARG B 111 20.32 -24.82 -38.01
CA ARG B 111 20.19 -24.95 -39.45
C ARG B 111 20.17 -23.57 -40.12
N GLU B 112 20.78 -23.50 -41.30
CA GLU B 112 20.84 -22.24 -42.04
C GLU B 112 19.45 -21.62 -42.17
N GLY B 113 19.34 -20.33 -41.86
CA GLY B 113 18.08 -19.61 -42.01
C GLY B 113 17.16 -19.66 -40.80
N TRP B 114 17.46 -20.54 -39.85
CA TRP B 114 16.66 -20.62 -38.63
C TRP B 114 16.57 -19.27 -37.94
N GLU B 115 17.65 -18.48 -38.05
CA GLU B 115 17.69 -17.15 -37.44
C GLU B 115 16.56 -16.26 -37.94
N HIS B 116 16.23 -16.40 -39.22
CA HIS B 116 15.16 -15.63 -39.82
C HIS B 116 13.79 -16.12 -39.32
N THR B 117 13.67 -17.43 -39.14
CA THR B 117 12.43 -17.98 -38.61
C THR B 117 12.20 -17.50 -37.17
N MET B 118 13.27 -17.48 -36.38
CA MET B 118 13.21 -16.93 -35.03
C MET B 118 12.86 -15.43 -34.99
N ALA B 119 13.44 -14.66 -35.90
CA ALA B 119 13.21 -13.22 -35.91
C ALA B 119 11.77 -12.90 -36.24
N ARG B 120 11.15 -13.75 -37.05
CA ARG B 120 9.79 -13.54 -37.49
C ARG B 120 8.75 -14.15 -36.55
N CYS B 121 9.06 -15.31 -35.99
CA CYS B 121 8.08 -16.12 -35.29
C CYS B 121 8.28 -16.21 -33.78
N TYR B 122 9.47 -15.88 -33.31
CA TYR B 122 9.80 -16.06 -31.90
C TYR B 122 9.95 -14.73 -31.17
N SER B 123 10.84 -13.89 -31.65
N SER B 123 10.85 -13.90 -31.66
CA SER B 123 11.14 -12.63 -30.97
CA SER B 123 11.14 -12.62 -31.00
C SER B 123 9.92 -11.73 -30.72
C SER B 123 9.91 -11.77 -30.71
N PRO B 124 9.00 -11.63 -31.68
CA PRO B 124 7.82 -10.80 -31.40
C PRO B 124 6.90 -11.40 -30.31
N LEU B 125 7.20 -12.59 -29.81
CA LEU B 125 6.43 -13.16 -28.71
C LEU B 125 6.45 -12.25 -27.47
N ARG B 126 7.45 -11.38 -27.38
CA ARG B 126 7.53 -10.48 -26.24
C ARG B 126 6.25 -9.65 -26.11
N TYR B 127 5.68 -9.25 -27.26
CA TYR B 127 4.42 -8.51 -27.27
C TYR B 127 3.26 -9.39 -26.80
N LEU B 128 3.17 -10.61 -27.33
CA LEU B 128 2.12 -11.52 -26.91
C LEU B 128 2.22 -11.79 -25.40
N PHE B 129 3.43 -12.08 -24.91
CA PHE B 129 3.58 -12.43 -23.51
C PHE B 129 3.30 -11.23 -22.62
N HIS B 130 3.64 -10.03 -23.07
CA HIS B 130 3.30 -8.85 -22.28
C HIS B 130 1.79 -8.65 -22.21
N CYS B 131 1.09 -8.95 -23.28
CA CYS B 131 -0.37 -8.90 -23.26
C CYS B 131 -0.93 -9.86 -22.21
N LEU B 132 -0.39 -11.07 -22.15
CA LEU B 132 -0.77 -12.04 -21.12
C LEU B 132 -0.51 -11.49 -19.74
N GLN B 133 0.64 -10.83 -19.59
CA GLN B 133 1.01 -10.16 -18.35
C GLN B 133 -0.01 -9.07 -17.94
N MET B 134 -0.33 -8.16 -18.86
CA MET B 134 -1.33 -7.12 -18.58
C MET B 134 -2.68 -7.76 -18.23
N SER B 135 -3.08 -8.75 -19.02
CA SER B 135 -4.38 -9.37 -18.83
C SER B 135 -4.47 -10.10 -17.48
N SER B 136 -3.38 -10.77 -17.10
CA SER B 136 -3.36 -11.47 -15.83
C SER B 136 -3.52 -10.49 -14.68
N ALA B 137 -2.85 -9.34 -14.77
CA ALA B 137 -2.98 -8.29 -13.77
C ALA B 137 -4.42 -7.78 -13.67
N TYR B 138 -5.11 -7.70 -14.81
CA TYR B 138 -6.50 -7.26 -14.75
C TYR B 138 -7.35 -8.28 -13.97
N VAL B 139 -7.18 -9.56 -14.30
CA VAL B 139 -7.96 -10.57 -13.60
C VAL B 139 -7.64 -10.51 -12.11
N GLN B 140 -6.37 -10.31 -11.76
CA GLN B 140 -5.96 -10.12 -10.38
C GLN B 140 -6.79 -9.07 -9.67
N GLN B 141 -6.88 -7.89 -10.28
CA GLN B 141 -7.48 -6.76 -9.58
C GLN B 141 -9.01 -6.86 -9.50
N MET B 142 -9.60 -7.65 -10.38
CA MET B 142 -11.06 -7.77 -10.45
C MET B 142 -11.65 -9.03 -9.78
N ALA B 143 -10.83 -10.05 -9.55
CA ALA B 143 -11.34 -11.32 -9.00
C ALA B 143 -11.99 -11.15 -7.63
N PRO B 144 -13.08 -11.87 -7.38
CA PRO B 144 -13.87 -11.71 -6.15
C PRO B 144 -13.34 -12.46 -4.90
N ALA B 145 -12.14 -13.03 -4.98
CA ALA B 145 -11.57 -13.69 -3.81
C ALA B 145 -10.06 -13.58 -3.86
N SER B 146 -9.44 -13.39 -2.70
CA SER B 146 -7.98 -13.24 -2.66
C SER B 146 -7.25 -14.50 -3.14
N THR B 147 -7.82 -15.67 -2.88
CA THR B 147 -7.19 -16.92 -3.30
C THR B 147 -7.16 -16.99 -4.83
N ILE B 148 -8.19 -16.45 -5.48
CA ILE B 148 -8.15 -16.33 -6.94
C ILE B 148 -7.11 -15.30 -7.39
N SER B 149 -7.17 -14.11 -6.81
CA SER B 149 -6.24 -13.03 -7.17
C SER B 149 -4.78 -13.45 -7.01
N ASN B 150 -4.48 -14.19 -5.95
CA ASN B 150 -3.10 -14.64 -5.73
C ASN B 150 -2.57 -15.48 -6.88
N CYS B 151 -3.39 -16.43 -7.35
CA CYS B 151 -3.05 -17.20 -8.54
C CYS B 151 -2.76 -16.29 -9.75
N CYS B 152 -3.52 -15.22 -9.86
CA CYS B 152 -3.34 -14.28 -10.96
C CYS B 152 -2.04 -13.49 -10.80
N ILE B 153 -1.70 -13.13 -9.56
CA ILE B 153 -0.45 -12.40 -9.31
C ILE B 153 0.74 -13.23 -9.77
N LEU B 154 0.79 -14.47 -9.32
CA LEU B 154 1.86 -15.36 -9.72
C LEU B 154 1.90 -15.57 -11.24
N GLN B 155 0.71 -15.65 -11.86
CA GLN B 155 0.60 -15.79 -13.30
C GLN B 155 1.10 -14.53 -14.03
N THR B 156 0.85 -13.36 -13.46
CA THR B 156 1.38 -12.12 -14.05
C THR B 156 2.92 -12.16 -14.01
N ALA B 157 3.49 -12.57 -12.88
CA ALA B 157 4.94 -12.73 -12.77
C ALA B 157 5.49 -13.75 -13.78
N ASP B 158 4.83 -14.90 -13.90
CA ASP B 158 5.22 -15.91 -14.89
C ASP B 158 5.17 -15.33 -16.31
N SER B 159 4.20 -14.48 -16.59
CA SER B 159 4.11 -13.89 -17.93
C SER B 159 5.33 -12.99 -18.19
N LEU B 160 5.73 -12.20 -17.20
CA LEU B 160 6.93 -11.38 -17.29
C LEU B 160 8.19 -12.24 -17.40
N ARG B 161 8.20 -13.37 -16.69
CA ARG B 161 9.27 -14.35 -16.80
C ARG B 161 9.47 -14.76 -18.27
N TRP B 162 8.38 -15.16 -18.93
CA TRP B 162 8.44 -15.57 -20.32
C TRP B 162 8.88 -14.41 -21.21
N LEU B 163 8.29 -13.25 -20.98
CA LEU B 163 8.68 -12.03 -21.71
C LEU B 163 10.20 -11.85 -21.59
N THR B 164 10.72 -12.02 -20.38
CA THR B 164 12.13 -11.79 -20.14
C THR B 164 13.02 -12.82 -20.86
N HIS B 165 12.59 -14.09 -20.86
CA HIS B 165 13.32 -15.14 -21.58
C HIS B 165 13.50 -14.70 -23.02
N THR B 166 12.40 -14.24 -23.62
CA THR B 166 12.34 -13.88 -25.02
C THR B 166 13.26 -12.69 -25.32
N ALA B 167 13.20 -11.68 -24.46
CA ALA B 167 14.06 -10.52 -24.64
C ALA B 167 15.53 -10.99 -24.59
N TYR B 168 15.87 -11.77 -23.59
CA TYR B 168 17.25 -12.20 -23.42
C TYR B 168 17.76 -12.93 -24.67
N ARG B 169 16.98 -13.91 -25.12
CA ARG B 169 17.37 -14.76 -26.24
C ARG B 169 17.36 -14.02 -27.58
N THR B 170 16.43 -13.08 -27.72
CA THR B 170 16.43 -12.21 -28.90
C THR B 170 17.75 -11.48 -29.01
N HIS B 171 18.13 -10.82 -27.91
CA HIS B 171 19.40 -10.13 -27.89
C HIS B 171 20.55 -11.11 -28.13
N GLU B 172 20.57 -12.22 -27.40
CA GLU B 172 21.69 -13.15 -27.56
C GLU B 172 21.82 -13.65 -28.99
N LEU B 173 20.70 -14.08 -29.57
CA LEU B 173 20.72 -14.59 -30.94
C LEU B 173 21.27 -13.54 -31.91
N SER B 174 20.99 -12.26 -31.66
CA SER B 174 21.45 -11.20 -32.55
C SER B 174 22.97 -11.04 -32.53
N LEU B 175 23.61 -11.56 -31.49
CA LEU B 175 25.06 -11.44 -31.39
C LEU B 175 25.73 -12.35 -32.41
N THR B 176 25.04 -13.42 -32.78
CA THR B 176 25.53 -14.37 -33.79
C THR B 176 24.94 -14.01 -35.15
N TYR B 177 23.74 -13.45 -35.15
CA TYR B 177 23.05 -13.12 -36.40
C TYR B 177 22.58 -11.67 -36.41
N PRO B 178 23.50 -10.74 -36.64
CA PRO B 178 23.24 -9.30 -36.54
C PRO B 178 22.51 -8.72 -37.74
N ASP B 179 22.23 -9.54 -38.75
CA ASP B 179 21.61 -9.07 -39.98
C ASP B 179 20.24 -9.68 -40.24
N ALA B 180 19.55 -10.05 -39.17
CA ALA B 180 18.23 -10.68 -39.30
C ALA B 180 17.11 -9.83 -38.71
N GLY B 181 17.46 -8.65 -38.20
CA GLY B 181 16.47 -7.76 -37.60
C GLY B 181 16.06 -8.11 -36.18
N LEU B 182 16.80 -9.01 -35.54
CA LEU B 182 16.54 -9.43 -34.16
C LEU B 182 16.71 -8.27 -33.17
N GLY B 183 15.64 -7.95 -32.45
CA GLY B 183 15.67 -6.85 -31.51
C GLY B 183 15.45 -5.49 -32.17
N GLU B 184 15.10 -5.50 -33.45
CA GLU B 184 14.89 -4.26 -34.22
C GLU B 184 13.50 -4.14 -34.85
N HIS B 185 12.99 -5.24 -35.41
CA HIS B 185 11.76 -5.17 -36.19
C HIS B 185 10.54 -5.85 -35.56
N GLU B 186 10.63 -6.24 -34.29
CA GLU B 186 9.55 -6.96 -33.65
C GLU B 186 8.23 -6.17 -33.61
N ARG B 187 8.30 -4.89 -33.25
CA ARG B 187 7.08 -4.07 -33.19
C ARG B 187 6.37 -3.99 -34.52
N GLU B 188 7.13 -3.83 -35.59
CA GLU B 188 6.55 -3.77 -36.93
C GLU B 188 5.92 -5.11 -37.32
N LEU B 189 6.58 -6.21 -36.96
CA LEU B 189 6.04 -7.55 -37.21
C LEU B 189 4.72 -7.76 -36.47
N TRP B 190 4.71 -7.40 -35.18
CA TRP B 190 3.51 -7.50 -34.35
C TRP B 190 2.38 -6.65 -34.94
N GLU B 191 2.74 -5.51 -35.53
CA GLU B 191 1.74 -4.59 -36.05
C GLU B 191 1.27 -4.89 -37.48
N LYS B 192 2.17 -5.40 -38.32
CA LYS B 192 1.91 -5.46 -39.77
C LYS B 192 1.89 -6.87 -40.34
N GLU B 193 2.74 -7.74 -39.80
CA GLU B 193 2.82 -9.12 -40.29
C GLU B 193 1.49 -9.87 -40.09
N PRO B 194 0.94 -10.42 -41.17
CA PRO B 194 -0.32 -11.16 -41.12
C PRO B 194 -0.33 -12.30 -40.07
N GLY B 195 0.75 -13.07 -40.02
CA GLY B 195 0.83 -14.19 -39.08
C GLY B 195 0.62 -13.78 -37.64
N TRP B 196 0.86 -12.51 -37.33
CA TRP B 196 0.70 -11.98 -35.98
C TRP B 196 -0.64 -11.28 -35.74
N GLN B 197 -1.37 -11.02 -36.83
CA GLN B 197 -2.56 -10.17 -36.72
C GLN B 197 -3.73 -10.83 -36.03
N GLY B 198 -3.85 -12.14 -36.16
CA GLY B 198 -4.91 -12.85 -35.46
C GLY B 198 -4.69 -12.79 -33.97
N LEU B 199 -3.47 -13.07 -33.56
CA LEU B 199 -3.06 -12.94 -32.16
C LEU B 199 -3.25 -11.50 -31.65
N ARG B 200 -2.82 -10.51 -32.42
CA ARG B 200 -2.90 -9.14 -31.93
C ARG B 200 -4.36 -8.70 -31.80
N GLU B 201 -5.19 -9.12 -32.75
CA GLU B 201 -6.60 -8.78 -32.68
C GLU B 201 -7.23 -9.49 -31.50
N LEU B 202 -6.86 -10.74 -31.32
CA LEU B 202 -7.37 -11.52 -30.19
C LEU B 202 -7.08 -10.81 -28.87
N MET B 203 -5.84 -10.38 -28.65
CA MET B 203 -5.44 -9.82 -27.37
C MET B 203 -5.98 -8.40 -27.13
N GLU B 204 -6.03 -7.59 -28.19
CA GLU B 204 -6.57 -6.24 -28.07
C GLU B 204 -8.03 -6.30 -27.63
N LYS B 205 -8.79 -7.22 -28.21
CA LYS B 205 -10.18 -7.40 -27.83
C LYS B 205 -10.28 -8.05 -26.44
N GLN B 206 -9.45 -9.06 -26.18
CA GLN B 206 -9.46 -9.70 -24.86
C GLN B 206 -9.20 -8.68 -23.76
N LEU B 207 -8.22 -7.79 -23.97
CA LEU B 207 -7.87 -6.78 -22.98
C LEU B 207 -8.98 -5.75 -22.75
N THR B 208 -10.00 -5.79 -23.61
CA THR B 208 -11.13 -4.89 -23.43
C THR B 208 -12.36 -5.63 -22.91
N ALA B 209 -12.18 -6.87 -22.47
CA ALA B 209 -13.28 -7.59 -21.83
C ALA B 209 -13.17 -7.34 -20.34
N PHE B 210 -13.97 -6.42 -19.82
CA PHE B 210 -13.78 -5.94 -18.45
C PHE B 210 -14.51 -6.71 -17.35
N ASP B 211 -15.54 -7.49 -17.70
CA ASP B 211 -16.19 -8.35 -16.71
C ASP B 211 -15.17 -9.36 -16.17
N TRP B 212 -15.06 -9.50 -14.85
CA TRP B 212 -13.98 -10.33 -14.29
C TRP B 212 -14.11 -11.76 -14.78
N GLY B 213 -15.35 -12.24 -14.87
CA GLY B 213 -15.62 -13.60 -15.28
C GLY B 213 -15.26 -13.84 -16.74
N GLU B 214 -15.68 -12.91 -17.61
CA GLU B 214 -15.32 -13.05 -19.01
C GLU B 214 -13.80 -12.93 -19.19
N ALA B 215 -13.18 -12.01 -18.45
CA ALA B 215 -11.72 -11.84 -18.50
C ALA B 215 -11.03 -13.15 -18.17
N PHE B 216 -11.43 -13.75 -17.05
CA PHE B 216 -10.86 -15.01 -16.63
C PHE B 216 -11.04 -16.12 -17.67
N VAL B 217 -12.26 -16.31 -18.15
CA VAL B 217 -12.56 -17.40 -19.07
C VAL B 217 -11.82 -17.22 -20.40
N SER B 218 -11.95 -16.03 -20.99
CA SER B 218 -11.24 -15.74 -22.22
C SER B 218 -9.73 -15.95 -22.07
N LEU B 219 -9.16 -15.45 -20.97
CA LEU B 219 -7.71 -15.51 -20.83
C LEU B 219 -7.22 -16.91 -20.52
N ASN B 220 -7.78 -17.51 -19.46
CA ASN B 220 -7.21 -18.75 -18.94
C ASN B 220 -7.77 -20.03 -19.55
N LEU B 221 -8.99 -19.96 -20.07
CA LEU B 221 -9.63 -21.14 -20.65
C LEU B 221 -9.51 -21.19 -22.17
N VAL B 222 -9.36 -20.03 -22.80
CA VAL B 222 -9.33 -19.96 -24.26
C VAL B 222 -7.99 -19.56 -24.85
N VAL B 223 -7.53 -18.34 -24.53
CA VAL B 223 -6.28 -17.83 -25.10
C VAL B 223 -5.07 -18.67 -24.67
N LYS B 224 -4.91 -18.86 -23.38
CA LYS B 224 -3.69 -19.51 -22.88
C LYS B 224 -3.50 -20.98 -23.30
N PRO B 225 -4.56 -21.81 -23.27
CA PRO B 225 -4.39 -23.16 -23.80
C PRO B 225 -4.07 -23.18 -25.30
N MET B 226 -4.65 -22.25 -26.06
CA MET B 226 -4.32 -22.12 -27.48
C MET B 226 -2.82 -21.88 -27.68
N ILE B 227 -2.28 -20.98 -26.89
CA ILE B 227 -0.86 -20.68 -26.95
C ILE B 227 -0.01 -21.91 -26.68
N VAL B 228 -0.43 -22.74 -25.73
CA VAL B 228 0.30 -23.97 -25.43
C VAL B 228 0.31 -24.88 -26.64
N GLU B 229 -0.87 -25.11 -27.21
CA GLU B 229 -0.99 -26.13 -28.24
C GLU B 229 -0.59 -25.64 -29.63
N SER B 230 -0.74 -24.34 -29.89
CA SER B 230 -0.54 -23.80 -31.23
C SER B 230 0.72 -22.95 -31.38
N ILE B 231 1.29 -22.53 -30.26
CA ILE B 231 2.53 -21.75 -30.32
C ILE B 231 3.70 -22.50 -29.68
N PHE B 232 3.59 -22.81 -28.39
CA PHE B 232 4.69 -23.45 -27.67
C PHE B 232 5.12 -24.80 -28.30
N LYS B 233 4.18 -25.71 -28.51
CA LYS B 233 4.54 -27.04 -29.00
C LYS B 233 5.00 -27.11 -30.46
N PRO B 234 4.34 -26.38 -31.37
CA PRO B 234 4.87 -26.32 -32.74
C PRO B 234 6.30 -25.73 -32.79
N LEU B 235 6.56 -24.69 -31.99
CA LEU B 235 7.90 -24.11 -31.93
C LEU B 235 8.96 -25.15 -31.55
N GLN B 236 8.65 -25.96 -30.54
CA GLN B 236 9.53 -27.07 -30.16
C GLN B 236 9.82 -28.00 -31.33
N GLN B 237 8.77 -28.38 -32.05
CA GLN B 237 8.93 -29.25 -33.22
C GLN B 237 9.83 -28.59 -34.27
N GLN B 238 9.57 -27.33 -34.57
CA GLN B 238 10.38 -26.62 -35.57
C GLN B 238 11.84 -26.53 -35.11
N ALA B 239 12.03 -26.21 -33.84
CA ALA B 239 13.37 -26.12 -33.28
C ALA B 239 14.10 -27.44 -33.48
N TRP B 240 13.40 -28.54 -33.22
CA TRP B 240 13.99 -29.87 -33.39
C TRP B 240 14.43 -30.09 -34.84
N GLU B 241 13.58 -29.70 -35.78
CA GLU B 241 13.88 -29.88 -37.19
C GLU B 241 15.03 -28.98 -37.65
N ASN B 242 15.34 -27.95 -36.86
CA ASN B 242 16.37 -26.98 -37.22
C ASN B 242 17.61 -26.99 -36.32
N ASN B 243 17.83 -28.10 -35.63
CA ASN B 243 18.98 -28.27 -34.74
C ASN B 243 19.11 -27.14 -33.70
N ASP B 244 17.98 -26.62 -33.25
CA ASP B 244 17.96 -25.74 -32.09
C ASP B 244 17.58 -26.60 -30.91
N THR B 245 18.56 -26.92 -30.05
CA THR B 245 18.30 -27.81 -28.91
C THR B 245 17.99 -27.03 -27.63
N LEU B 246 18.30 -25.73 -27.63
CA LEU B 246 17.98 -24.89 -26.48
C LEU B 246 16.48 -24.59 -26.37
N LEU B 247 15.87 -24.14 -27.47
CA LEU B 247 14.48 -23.69 -27.42
C LEU B 247 13.53 -24.77 -26.85
N PRO B 248 13.66 -26.01 -27.31
CA PRO B 248 12.82 -27.07 -26.74
C PRO B 248 12.96 -27.19 -25.20
N LEU B 249 14.18 -27.08 -24.69
CA LEU B 249 14.39 -27.10 -23.23
C LEU B 249 13.78 -25.89 -22.53
N LEU B 250 13.98 -24.71 -23.11
CA LEU B 250 13.43 -23.48 -22.54
C LEU B 250 11.92 -23.57 -22.47
N ILE B 251 11.32 -24.01 -23.57
CA ILE B 251 9.87 -24.09 -23.67
C ILE B 251 9.29 -25.12 -22.70
N ASP B 252 10.03 -26.20 -22.44
CA ASP B 252 9.57 -27.17 -21.45
C ASP B 252 9.47 -26.51 -20.07
N SER B 253 10.38 -25.60 -19.76
CA SER B 253 10.29 -24.89 -18.49
C SER B 253 9.08 -23.93 -18.48
N GLN B 254 8.89 -23.21 -19.57
CA GLN B 254 7.73 -22.34 -19.69
C GLN B 254 6.44 -23.16 -19.64
N LEU B 255 6.46 -24.36 -20.22
CA LEU B 255 5.26 -25.19 -20.21
C LEU B 255 4.85 -25.62 -18.80
N LYS B 256 5.82 -25.70 -17.89
N LYS B 256 5.82 -25.71 -17.90
CA LYS B 256 5.52 -26.03 -16.50
CA LYS B 256 5.53 -26.02 -16.50
C LYS B 256 4.70 -24.91 -15.85
C LYS B 256 4.67 -24.91 -15.89
N ASP B 257 5.05 -23.66 -16.14
CA ASP B 257 4.24 -22.52 -15.69
C ASP B 257 2.85 -22.59 -16.30
N ALA B 258 2.79 -22.87 -17.60
CA ALA B 258 1.51 -22.85 -18.31
C ALA B 258 0.56 -23.92 -17.82
N GLU B 259 1.09 -25.10 -17.47
CA GLU B 259 0.23 -26.15 -16.91
C GLU B 259 -0.25 -25.74 -15.54
N ARG B 260 0.61 -25.08 -14.76
CA ARG B 260 0.19 -24.58 -13.47
C ARG B 260 -0.99 -23.59 -13.60
N HIS B 261 -0.92 -22.71 -14.59
CA HIS B 261 -2.01 -21.74 -14.80
C HIS B 261 -3.29 -22.46 -15.17
N SER B 262 -3.16 -23.51 -15.98
CA SER B 262 -4.33 -24.26 -16.40
C SER B 262 -4.88 -25.07 -15.22
N ARG B 263 -3.99 -25.56 -14.37
CA ARG B 263 -4.36 -26.34 -13.21
C ARG B 263 -5.22 -25.52 -12.24
N TRP B 264 -4.78 -24.32 -11.88
CA TRP B 264 -5.61 -23.49 -11.02
C TRP B 264 -6.89 -23.01 -11.71
N SER B 265 -6.80 -22.76 -13.03
CA SER B 265 -7.98 -22.34 -13.80
C SER B 265 -9.08 -23.40 -13.75
N LYS B 266 -8.70 -24.66 -13.97
CA LYS B 266 -9.64 -25.78 -13.94
C LYS B 266 -10.29 -25.91 -12.57
N ALA B 267 -9.49 -25.72 -11.53
CA ALA B 267 -9.99 -25.76 -10.16
C ALA B 267 -10.99 -24.64 -9.88
N LEU B 268 -10.76 -23.46 -10.43
CA LEU B 268 -11.73 -22.37 -10.28
C LEU B 268 -13.03 -22.74 -10.99
N VAL B 269 -12.90 -23.32 -12.18
CA VAL B 269 -14.06 -23.75 -12.94
C VAL B 269 -14.87 -24.78 -12.15
N LYS B 270 -14.18 -25.77 -11.57
CA LYS B 270 -14.83 -26.77 -10.74
C LYS B 270 -15.59 -26.12 -9.59
N HIS B 271 -14.96 -25.14 -8.95
CA HIS B 271 -15.59 -24.40 -7.86
C HIS B 271 -16.83 -23.68 -8.36
N ALA B 272 -16.71 -22.95 -9.47
CA ALA B 272 -17.83 -22.21 -10.02
C ALA B 272 -18.98 -23.12 -10.45
N LEU B 273 -18.64 -24.32 -10.93
CA LEU B 273 -19.67 -25.24 -11.41
C LEU B 273 -20.48 -25.88 -10.28
N GLU B 274 -20.12 -25.57 -9.05
CA GLU B 274 -20.98 -25.90 -7.91
C GLU B 274 -22.34 -25.22 -8.11
N ASN B 275 -22.32 -24.10 -8.82
CA ASN B 275 -23.54 -23.43 -9.26
C ASN B 275 -23.87 -23.88 -10.68
N PRO B 276 -24.95 -24.68 -10.82
CA PRO B 276 -25.33 -25.23 -12.12
C PRO B 276 -25.56 -24.16 -13.18
N ASP B 277 -25.96 -22.96 -12.77
CA ASP B 277 -26.15 -21.86 -13.70
C ASP B 277 -24.87 -21.49 -14.45
N ASN B 278 -23.72 -21.68 -13.80
CA ASN B 278 -22.45 -21.25 -14.37
C ASN B 278 -22.01 -22.04 -15.60
N HIS B 279 -22.54 -23.24 -15.75
N HIS B 279 -22.55 -23.24 -15.77
CA HIS B 279 -22.22 -24.09 -16.90
CA HIS B 279 -22.15 -24.06 -16.91
C HIS B 279 -22.43 -23.33 -18.20
C HIS B 279 -22.44 -23.35 -18.23
N ALA B 280 -23.63 -22.76 -18.35
CA ALA B 280 -24.01 -22.06 -19.58
C ALA B 280 -23.21 -20.78 -19.75
N VAL B 281 -23.00 -20.05 -18.66
CA VAL B 281 -22.21 -18.83 -18.71
C VAL B 281 -20.82 -19.13 -19.25
N ILE B 282 -20.10 -20.02 -18.56
CA ILE B 282 -18.76 -20.40 -18.98
C ILE B 282 -18.72 -20.90 -20.42
N GLU B 283 -19.63 -21.82 -20.75
N GLU B 283 -19.63 -21.83 -20.74
CA GLU B 283 -19.70 -22.38 -22.10
CA GLU B 283 -19.71 -22.39 -22.10
C GLU B 283 -19.89 -21.28 -23.15
C GLU B 283 -19.94 -21.32 -23.16
N GLY B 284 -20.74 -20.31 -22.84
CA GLY B 284 -21.02 -19.23 -23.75
C GLY B 284 -19.81 -18.35 -24.04
N TRP B 285 -19.06 -18.03 -23.00
CA TRP B 285 -17.85 -17.23 -23.18
C TRP B 285 -16.81 -18.00 -23.98
N ILE B 286 -16.71 -19.30 -23.75
CA ILE B 286 -15.76 -20.11 -24.52
C ILE B 286 -16.11 -20.10 -26.01
N GLU B 287 -17.40 -20.28 -26.32
CA GLU B 287 -17.85 -20.29 -27.70
C GLU B 287 -17.63 -18.93 -28.33
N LYS B 288 -17.87 -17.88 -27.55
CA LYS B 288 -17.68 -16.52 -28.03
C LYS B 288 -16.25 -16.28 -28.48
N TRP B 289 -15.29 -16.76 -27.69
CA TRP B 289 -13.88 -16.40 -27.91
C TRP B 289 -13.10 -17.40 -28.75
N ARG B 290 -13.58 -18.64 -28.83
CA ARG B 290 -12.82 -19.69 -29.50
C ARG B 290 -12.51 -19.40 -30.97
N PRO B 291 -13.49 -18.87 -31.74
CA PRO B 291 -13.20 -18.54 -33.14
C PRO B 291 -12.01 -17.58 -33.29
N LEU B 292 -12.01 -16.46 -32.57
CA LEU B 292 -10.85 -15.58 -32.55
C LEU B 292 -9.56 -16.34 -32.20
N ALA B 293 -9.65 -17.23 -31.21
CA ALA B 293 -8.48 -17.99 -30.81
C ALA B 293 -7.97 -18.93 -31.92
N ASP B 294 -8.90 -19.64 -32.56
CA ASP B 294 -8.56 -20.54 -33.66
C ASP B 294 -7.96 -19.81 -34.86
N ARG B 295 -8.54 -18.66 -35.21
CA ARG B 295 -7.99 -17.82 -36.27
C ARG B 295 -6.59 -17.29 -35.94
N ALA B 296 -6.39 -16.86 -34.70
CA ALA B 296 -5.07 -16.43 -34.26
C ALA B 296 -4.05 -17.55 -34.46
N ALA B 297 -4.43 -18.77 -34.07
CA ALA B 297 -3.55 -19.94 -34.20
C ALA B 297 -3.24 -20.33 -35.65
N GLU B 298 -4.25 -20.28 -36.52
CA GLU B 298 -4.05 -20.63 -37.93
C GLU B 298 -3.09 -19.65 -38.62
N ALA B 299 -3.30 -18.36 -38.40
CA ALA B 299 -2.43 -17.35 -38.97
C ALA B 299 -0.99 -17.52 -38.49
N TYR B 300 -0.82 -17.72 -37.19
CA TYR B 300 0.52 -17.95 -36.64
C TYR B 300 1.19 -19.18 -37.25
N LEU B 301 0.48 -20.30 -37.27
CA LEU B 301 1.04 -21.55 -37.78
C LEU B 301 1.38 -21.47 -39.25
N SER B 302 0.50 -20.83 -40.02
CA SER B 302 0.74 -20.59 -41.43
C SER B 302 2.07 -19.82 -41.60
N MET B 303 2.29 -18.82 -40.77
CA MET B 303 3.53 -18.05 -40.79
C MET B 303 4.75 -18.88 -40.32
N LEU B 304 4.56 -19.70 -39.29
CA LEU B 304 5.68 -20.52 -38.80
C LEU B 304 6.16 -21.47 -39.89
N SER B 305 5.23 -21.98 -40.68
CA SER B 305 5.54 -22.96 -41.71
C SER B 305 6.04 -22.36 -43.03
N SER B 306 5.91 -21.05 -43.20
CA SER B 306 6.34 -20.39 -44.43
C SER B 306 7.82 -20.66 -44.72
N ALA C 3 -35.55 16.28 19.82
CA ALA C 3 -34.14 15.87 19.77
C ALA C 3 -33.39 16.62 18.67
N PHE C 4 -32.27 17.24 19.04
CA PHE C 4 -31.54 18.11 18.12
C PHE C 4 -30.02 17.91 18.24
N PRO C 5 -29.42 17.19 17.28
CA PRO C 5 -27.97 16.93 17.40
C PRO C 5 -27.16 18.17 17.06
N VAL C 6 -26.17 18.48 17.88
CA VAL C 6 -25.19 19.50 17.51
C VAL C 6 -23.78 18.98 17.77
N HIS C 7 -22.79 19.71 17.26
CA HIS C 7 -21.40 19.45 17.57
C HIS C 7 -20.90 20.60 18.42
N ALA C 8 -20.28 20.28 19.56
CA ALA C 8 -19.95 21.29 20.55
C ALA C 8 -18.49 21.23 20.95
N ALA C 9 -17.84 22.40 20.94
CA ALA C 9 -16.48 22.51 21.44
C ALA C 9 -16.48 23.29 22.73
N PHE C 10 -16.07 22.62 23.81
CA PHE C 10 -16.05 23.23 25.12
C PHE C 10 -14.70 23.86 25.42
N GLU C 11 -14.73 25.09 25.92
CA GLU C 11 -13.52 25.86 26.20
C GLU C 11 -12.46 25.09 26.99
N LYS C 12 -11.27 24.98 26.39
CA LYS C 12 -10.09 24.36 27.00
C LYS C 12 -10.00 22.83 26.84
N ASP C 13 -11.08 22.23 26.34
CA ASP C 13 -11.05 20.83 25.93
C ASP C 13 -10.20 20.68 24.67
N PHE C 14 -10.03 19.44 24.21
CA PHE C 14 -9.16 19.17 23.06
C PHE C 14 -9.91 18.79 21.78
N LEU C 15 -11.22 18.63 21.85
CA LEU C 15 -11.98 18.19 20.68
C LEU C 15 -13.38 18.77 20.58
N VAL C 16 -14.07 18.38 19.52
CA VAL C 16 -15.46 18.68 19.32
C VAL C 16 -16.21 17.38 19.46
N GLN C 17 -17.33 17.41 20.17
CA GLN C 17 -18.13 16.21 20.40
C GLN C 17 -19.56 16.37 19.93
N LEU C 18 -20.19 15.24 19.63
CA LEU C 18 -21.61 15.22 19.33
C LEU C 18 -22.38 15.24 20.65
N VAL C 19 -23.15 16.29 20.86
CA VAL C 19 -24.05 16.38 22.01
C VAL C 19 -25.47 16.56 21.49
N VAL C 20 -26.37 15.68 21.89
CA VAL C 20 -27.74 15.77 21.44
C VAL C 20 -28.59 16.54 22.44
N VAL C 21 -29.03 17.73 22.05
CA VAL C 21 -29.88 18.54 22.90
C VAL C 21 -31.32 18.48 22.41
N ASP C 22 -32.21 19.26 23.01
CA ASP C 22 -33.60 19.30 22.57
C ASP C 22 -33.96 20.64 21.93
N LEU C 23 -34.85 20.59 20.94
CA LEU C 23 -35.24 21.79 20.21
C LEU C 23 -35.67 22.95 21.11
N ASN C 24 -36.07 22.63 22.35
CA ASN C 24 -36.61 23.63 23.28
C ASN C 24 -35.64 24.10 24.37
N ASP C 25 -34.41 23.59 24.37
CA ASP C 25 -33.45 23.95 25.40
C ASP C 25 -32.94 25.38 25.21
N SER C 26 -32.62 26.04 26.33
CA SER C 26 -32.04 27.37 26.31
C SER C 26 -30.52 27.29 26.38
N MET C 27 -29.84 28.37 26.00
CA MET C 27 -28.38 28.39 25.99
C MET C 27 -27.79 28.21 27.40
N ASP C 28 -28.66 27.99 28.37
CA ASP C 28 -28.20 27.59 29.70
C ASP C 28 -28.25 26.07 29.82
N GLN C 29 -29.30 25.47 29.24
CA GLN C 29 -29.47 24.01 29.24
C GLN C 29 -28.49 23.31 28.29
N VAL C 30 -28.34 23.88 27.10
CA VAL C 30 -27.39 23.35 26.13
C VAL C 30 -26.00 23.35 26.72
N ALA C 31 -25.61 24.47 27.33
CA ALA C 31 -24.27 24.62 27.89
C ALA C 31 -24.05 23.59 28.97
N GLU C 32 -25.13 23.22 29.64
CA GLU C 32 -25.08 22.25 30.72
C GLU C 32 -24.85 20.86 30.16
N LYS C 33 -25.61 20.51 29.11
CA LYS C 33 -25.49 19.20 28.49
C LYS C 33 -24.10 18.96 27.89
N VAL C 34 -23.48 20.03 27.38
CA VAL C 34 -22.14 19.92 26.83
C VAL C 34 -21.13 19.73 27.95
N ALA C 35 -21.17 20.62 28.95
CA ALA C 35 -20.26 20.53 30.09
C ALA C 35 -20.22 19.11 30.66
N TYR C 36 -21.36 18.41 30.60
CA TYR C 36 -21.43 17.07 31.15
C TYR C 36 -20.37 16.14 30.58
N HIS C 37 -20.08 16.30 29.30
CA HIS C 37 -19.15 15.41 28.63
C HIS C 37 -17.73 15.99 28.62
N CYS C 38 -17.50 17.03 29.41
CA CYS C 38 -16.24 17.75 29.37
C CYS C 38 -15.65 18.06 30.74
N VAL C 39 -16.34 18.94 31.48
CA VAL C 39 -15.93 19.34 32.82
C VAL C 39 -15.80 18.11 33.71
N ASN C 40 -14.71 18.05 34.47
CA ASN C 40 -14.43 16.89 35.32
C ASN C 40 -14.10 15.63 34.52
N ARG C 41 -13.82 15.81 33.23
CA ARG C 41 -13.35 14.71 32.42
C ARG C 41 -12.01 15.09 31.80
N ARG C 42 -11.97 16.24 31.12
CA ARG C 42 -10.74 16.74 30.55
C ARG C 42 -10.53 18.21 30.85
N VAL C 43 -11.56 18.85 31.39
CA VAL C 43 -11.51 20.28 31.71
C VAL C 43 -11.81 20.50 33.19
N ALA C 44 -10.97 21.31 33.84
CA ALA C 44 -11.15 21.60 35.26
C ALA C 44 -12.37 22.49 35.46
N PRO C 45 -13.20 22.19 36.48
CA PRO C 45 -14.36 23.04 36.76
C PRO C 45 -13.93 24.45 37.16
N ARG C 46 -14.76 25.45 36.87
CA ARG C 46 -14.42 26.82 37.19
C ARG C 46 -15.65 27.68 37.52
N GLU C 47 -15.40 28.86 38.06
CA GLU C 47 -16.46 29.83 38.33
C GLU C 47 -16.87 30.50 37.04
N GLY C 48 -18.03 31.13 37.03
CA GLY C 48 -18.48 31.88 35.87
C GLY C 48 -19.71 31.32 35.20
N VAL C 49 -20.18 32.01 34.17
CA VAL C 49 -21.40 31.60 33.48
C VAL C 49 -21.07 30.99 32.13
N MET C 50 -21.60 29.79 31.89
CA MET C 50 -21.39 29.11 30.63
C MET C 50 -22.26 29.69 29.52
N ARG C 51 -21.63 30.06 28.42
CA ARG C 51 -22.34 30.66 27.29
C ARG C 51 -22.19 29.84 26.02
N VAL C 52 -23.12 30.04 25.10
CA VAL C 52 -23.11 29.32 23.82
C VAL C 52 -23.07 30.29 22.66
N ARG C 53 -22.18 30.02 21.71
CA ARG C 53 -22.07 30.80 20.49
C ARG C 53 -21.93 29.87 19.30
N LYS C 54 -22.30 30.34 18.12
CA LYS C 54 -22.02 29.61 16.89
C LYS C 54 -20.50 29.50 16.79
N HIS C 55 -19.99 28.38 16.28
CA HIS C 55 -18.55 28.14 16.28
C HIS C 55 -17.74 29.32 15.76
N ARG C 56 -16.81 29.80 16.57
CA ARG C 56 -15.89 30.88 16.17
C ARG C 56 -16.59 32.21 15.96
N SER C 57 -17.85 32.30 16.38
CA SER C 57 -18.62 33.54 16.26
C SER C 57 -18.20 34.55 17.32
N THR C 58 -18.38 35.82 17.00
CA THR C 58 -18.07 36.90 17.93
C THR C 58 -19.24 37.16 18.87
N GLU C 59 -20.44 36.85 18.38
CA GLU C 59 -21.65 37.10 19.15
C GLU C 59 -22.09 35.89 19.94
N LEU C 60 -22.46 36.11 21.20
CA LEU C 60 -23.00 35.05 22.04
C LEU C 60 -24.51 35.01 21.95
N PHE C 61 -25.08 33.81 22.02
CA PHE C 61 -26.53 33.67 22.11
C PHE C 61 -26.99 34.09 23.50
N PRO C 62 -28.10 34.84 23.58
CA PRO C 62 -28.71 35.15 24.88
C PRO C 62 -28.90 33.89 25.72
N ARG C 63 -28.60 33.99 27.00
CA ARG C 63 -28.70 32.85 27.92
C ARG C 63 -30.09 32.21 27.95
N ASP C 64 -31.09 32.93 27.45
CA ASP C 64 -32.48 32.49 27.56
C ASP C 64 -33.08 31.93 26.25
N MET C 65 -32.47 32.28 25.12
CA MET C 65 -32.95 31.82 23.82
C MET C 65 -32.88 30.30 23.68
N THR C 66 -33.91 29.73 23.07
CA THR C 66 -33.92 28.31 22.74
C THR C 66 -33.18 28.07 21.43
N ILE C 67 -32.78 26.84 21.19
CA ILE C 67 -32.09 26.53 19.94
C ILE C 67 -33.04 26.72 18.75
N ALA C 68 -34.32 26.49 18.99
CA ALA C 68 -35.33 26.73 17.96
C ALA C 68 -35.32 28.20 17.54
N GLU C 69 -35.32 29.09 18.53
CA GLU C 69 -35.30 30.52 18.29
C GLU C 69 -33.97 30.99 17.70
N SER C 70 -32.93 30.20 17.91
CA SER C 70 -31.58 30.60 17.50
C SER C 70 -31.35 30.47 16.00
N GLY C 71 -32.18 29.67 15.34
CA GLY C 71 -32.05 29.44 13.91
C GLY C 71 -30.91 28.49 13.54
N LEU C 72 -30.35 27.83 14.53
CA LEU C 72 -29.31 26.82 14.27
C LEU C 72 -29.89 25.62 13.54
N ASN C 73 -29.10 25.03 12.65
CA ASN C 73 -29.51 23.82 11.97
C ASN C 73 -28.86 22.61 12.65
N PRO C 74 -29.51 21.44 12.59
CA PRO C 74 -28.93 20.28 13.26
C PRO C 74 -27.53 19.99 12.72
N THR C 75 -26.68 19.42 13.57
CA THR C 75 -25.30 19.08 13.23
C THR C 75 -24.40 20.29 12.94
N GLU C 76 -24.92 21.49 13.12
CA GLU C 76 -24.09 22.69 13.06
C GLU C 76 -23.20 22.75 14.29
N VAL C 77 -22.07 23.45 14.18
CA VAL C 77 -21.08 23.51 15.24
C VAL C 77 -21.26 24.73 16.16
N ILE C 78 -21.11 24.53 17.47
CA ILE C 78 -21.16 25.61 18.46
C ILE C 78 -20.00 25.51 19.45
N ASP C 79 -19.63 26.64 20.04
CA ASP C 79 -18.67 26.63 21.14
C ASP C 79 -19.41 26.88 22.44
N VAL C 80 -18.82 26.45 23.55
CA VAL C 80 -19.31 26.81 24.87
C VAL C 80 -18.15 27.44 25.65
N VAL C 81 -18.27 28.73 25.95
CA VAL C 81 -17.20 29.46 26.63
C VAL C 81 -17.70 30.17 27.89
N PHE C 82 -16.78 30.83 28.60
CA PHE C 82 -17.12 31.57 29.81
C PHE C 82 -16.99 33.07 29.60
N GLU C 83 -17.92 33.84 30.19
CA GLU C 83 -17.94 35.29 30.01
C GLU C 83 -16.60 35.96 30.33
N SER D 2 9.52 28.21 11.70
CA SER D 2 9.89 27.53 10.47
C SER D 2 11.37 27.70 10.15
N THR D 3 12.12 28.30 11.06
CA THR D 3 13.57 28.39 10.85
C THR D 3 14.22 27.01 11.00
N LEU D 4 13.78 26.25 12.00
CA LEU D 4 14.19 24.86 12.14
C LEU D 4 13.83 24.07 10.88
N ALA D 5 12.60 24.22 10.42
CA ALA D 5 12.11 23.51 9.23
C ALA D 5 12.84 23.94 7.95
N ASP D 6 13.14 25.23 7.86
CA ASP D 6 13.88 25.78 6.73
C ASP D 6 15.28 25.18 6.68
N GLN D 7 15.93 25.12 7.84
CA GLN D 7 17.28 24.58 7.90
C GLN D 7 17.29 23.09 7.59
N ALA D 8 16.23 22.39 7.98
CA ALA D 8 16.15 20.95 7.69
C ALA D 8 15.98 20.71 6.20
N LEU D 9 15.16 21.53 5.56
CA LEU D 9 14.88 21.38 4.13
C LEU D 9 16.06 21.75 3.26
N HIS D 10 16.80 22.79 3.67
CA HIS D 10 17.91 23.28 2.87
C HIS D 10 19.19 22.49 3.14
N ASN D 11 19.16 21.24 2.70
CA ASN D 11 20.31 20.37 2.78
C ASN D 11 20.53 19.78 1.40
N ASN D 12 21.73 19.25 1.16
CA ASN D 12 22.01 18.52 -0.06
C ASN D 12 22.52 17.11 0.25
N ASN D 13 22.07 16.57 1.39
CA ASN D 13 22.49 15.24 1.82
C ASN D 13 21.94 14.12 0.93
N VAL D 14 22.83 13.27 0.43
CA VAL D 14 22.43 12.11 -0.36
C VAL D 14 23.18 10.89 0.15
N GLY D 15 22.60 9.71 -0.01
CA GLY D 15 23.25 8.50 0.43
C GLY D 15 22.31 7.41 0.90
N PRO D 16 22.85 6.21 1.15
CA PRO D 16 22.00 5.06 1.52
C PRO D 16 21.58 5.05 2.98
N ILE D 17 20.40 4.50 3.25
CA ILE D 17 20.03 4.14 4.60
C ILE D 17 20.08 2.62 4.66
N ILE D 18 21.02 2.10 5.44
CA ILE D 18 21.26 0.65 5.51
C ILE D 18 20.63 0.08 6.77
N ARG D 19 19.82 -0.97 6.63
CA ARG D 19 19.18 -1.61 7.78
C ARG D 19 20.25 -2.36 8.55
N ALA D 20 20.03 -2.55 9.85
CA ALA D 20 20.97 -3.30 10.70
C ALA D 20 21.31 -4.64 10.04
N GLY D 21 22.59 -4.97 10.02
CA GLY D 21 23.02 -6.25 9.47
C GLY D 21 24.46 -6.16 9.00
N ASP D 22 24.86 -7.10 8.15
CA ASP D 22 26.26 -7.24 7.74
C ASP D 22 26.74 -6.20 6.72
N LEU D 23 25.84 -5.37 6.22
CA LEU D 23 26.20 -4.37 5.22
C LEU D 23 26.48 -2.98 5.83
N VAL D 24 26.08 -2.78 7.08
CA VAL D 24 26.26 -1.47 7.72
C VAL D 24 27.71 -1.00 7.69
N GLU D 25 28.61 -1.73 8.33
CA GLU D 25 30.01 -1.30 8.38
C GLU D 25 30.64 -1.20 6.99
N PRO D 26 30.46 -2.24 6.15
CA PRO D 26 31.09 -2.21 4.82
C PRO D 26 30.61 -1.04 3.94
N VAL D 27 29.34 -0.67 4.04
CA VAL D 27 28.84 0.45 3.25
C VAL D 27 29.42 1.78 3.72
N ILE D 28 29.56 1.95 5.04
CA ILE D 28 30.17 3.16 5.58
C ILE D 28 31.61 3.29 5.11
N GLU D 29 32.36 2.19 5.20
CA GLU D 29 33.75 2.18 4.75
C GLU D 29 33.83 2.45 3.25
N THR D 30 32.90 1.85 2.50
CA THR D 30 32.85 2.04 1.06
C THR D 30 32.54 3.50 0.72
N ALA D 31 31.58 4.10 1.44
CA ALA D 31 31.29 5.53 1.22
C ALA D 31 32.53 6.41 1.42
N GLU D 32 33.31 6.11 2.46
CA GLU D 32 34.51 6.89 2.74
C GLU D 32 35.56 6.74 1.66
N ILE D 33 35.78 5.49 1.24
CA ILE D 33 36.81 5.18 0.25
C ILE D 33 36.46 5.72 -1.14
N ASP D 34 35.22 5.54 -1.55
CA ASP D 34 34.84 5.83 -2.93
C ASP D 34 34.48 7.30 -3.18
N ASN D 35 34.47 8.09 -2.11
CA ASN D 35 34.18 9.51 -2.21
C ASN D 35 35.22 10.34 -1.45
N PRO D 36 36.49 10.24 -1.87
CA PRO D 36 37.58 10.90 -1.16
C PRO D 36 37.44 12.41 -1.28
N GLY D 37 37.76 13.13 -0.22
CA GLY D 37 37.55 14.57 -0.25
C GLY D 37 36.07 14.95 -0.14
N LYS D 38 35.25 13.99 0.26
CA LYS D 38 33.90 14.28 0.70
C LYS D 38 33.83 13.84 2.16
N GLU D 39 33.17 14.62 3.00
CA GLU D 39 32.96 14.22 4.38
C GLU D 39 31.74 13.30 4.45
N ILE D 40 31.92 12.09 4.95
CA ILE D 40 30.81 11.16 5.12
C ILE D 40 30.22 11.28 6.52
N THR D 41 28.93 11.56 6.60
CA THR D 41 28.25 11.63 7.88
C THR D 41 27.45 10.37 8.13
N VAL D 42 27.38 9.93 9.38
CA VAL D 42 26.66 8.72 9.74
C VAL D 42 25.80 8.97 10.97
N GLU D 43 24.51 8.72 10.83
CA GLU D 43 23.61 8.82 11.96
C GLU D 43 23.10 7.43 12.26
N ASP D 44 23.35 6.99 13.49
CA ASP D 44 23.07 5.62 13.88
C ASP D 44 21.73 5.52 14.62
N ARG D 45 20.76 4.85 14.02
CA ARG D 45 19.47 4.64 14.68
C ARG D 45 19.25 3.18 15.08
N ARG D 46 20.34 2.45 15.25
CA ARG D 46 20.33 1.03 15.66
C ARG D 46 19.69 0.06 14.66
N ALA D 47 18.42 0.28 14.34
CA ALA D 47 17.71 -0.52 13.34
C ALA D 47 18.14 -0.14 11.92
N TYR D 48 18.70 1.05 11.77
CA TYR D 48 19.24 1.49 10.49
C TYR D 48 20.29 2.56 10.72
N VAL D 49 21.08 2.83 9.69
CA VAL D 49 22.10 3.85 9.74
C VAL D 49 21.93 4.74 8.52
N ARG D 50 21.91 6.06 8.73
CA ARG D 50 21.76 7.04 7.66
C ARG D 50 23.13 7.58 7.26
N ILE D 51 23.58 7.22 6.05
CA ILE D 51 24.92 7.57 5.57
C ILE D 51 24.82 8.60 4.47
N ALA D 52 25.57 9.69 4.59
CA ALA D 52 25.37 10.81 3.65
C ALA D 52 26.64 11.56 3.28
N ALA D 53 26.59 12.20 2.10
CA ALA D 53 27.60 13.12 1.63
C ALA D 53 26.86 14.28 0.99
N GLU D 54 27.58 15.38 0.77
CA GLU D 54 27.03 16.53 0.07
C GLU D 54 26.97 16.29 -1.45
N GLY D 55 25.78 16.43 -2.03
CA GLY D 55 25.61 16.51 -3.47
C GLY D 55 25.58 15.19 -4.22
N GLU D 56 26.49 14.30 -3.85
CA GLU D 56 26.64 13.03 -4.52
C GLU D 56 27.37 12.06 -3.62
N LEU D 57 27.01 10.78 -3.69
CA LEU D 57 27.68 9.74 -2.93
C LEU D 57 27.65 8.49 -3.78
N ILE D 58 28.84 7.95 -4.07
CA ILE D 58 28.97 6.77 -4.91
C ILE D 58 29.36 5.54 -4.08
N LEU D 59 28.78 4.39 -4.41
CA LEU D 59 29.22 3.10 -3.88
C LEU D 59 29.56 2.20 -5.05
N THR D 60 30.84 1.82 -5.19
CA THR D 60 31.21 0.92 -6.27
C THR D 60 31.09 -0.52 -5.80
N ARG D 61 30.72 -1.41 -6.73
CA ARG D 61 30.65 -2.83 -6.44
C ARG D 61 32.00 -3.38 -5.97
N LYS D 62 33.07 -2.97 -6.64
CA LYS D 62 34.41 -3.44 -6.31
C LYS D 62 34.84 -3.10 -4.88
N THR D 63 34.66 -1.85 -4.46
CA THR D 63 35.00 -1.49 -3.09
C THR D 63 34.10 -2.19 -2.06
N LEU D 64 32.80 -2.24 -2.35
CA LEU D 64 31.87 -2.83 -1.41
C LEU D 64 32.23 -4.30 -1.20
N GLU D 65 32.59 -4.97 -2.28
CA GLU D 65 33.00 -6.37 -2.23
C GLU D 65 34.25 -6.54 -1.38
N GLU D 66 35.21 -5.64 -1.56
CA GLU D 66 36.43 -5.63 -0.75
C GLU D 66 36.13 -5.41 0.74
N GLN D 67 35.28 -4.43 1.06
CA GLN D 67 34.97 -4.09 2.45
C GLN D 67 34.07 -5.14 3.13
N LEU D 68 33.18 -5.74 2.35
CA LEU D 68 32.30 -6.79 2.85
C LEU D 68 33.06 -8.11 3.08
N GLY D 69 34.10 -8.35 2.28
CA GLY D 69 34.94 -9.52 2.44
C GLY D 69 34.43 -10.81 1.80
N ARG D 70 33.44 -10.70 0.93
CA ARG D 70 32.93 -11.87 0.23
C ARG D 70 32.40 -11.44 -1.13
N PRO D 71 32.28 -12.40 -2.07
CA PRO D 71 31.77 -12.11 -3.41
C PRO D 71 30.42 -11.40 -3.32
N PHE D 72 30.25 -10.38 -4.15
CA PHE D 72 29.10 -9.49 -4.02
C PHE D 72 28.72 -8.89 -5.37
N ASN D 73 27.44 -9.01 -5.73
CA ASN D 73 26.87 -8.38 -6.92
C ASN D 73 26.07 -7.16 -6.50
N MET D 74 26.11 -6.12 -7.32
CA MET D 74 25.53 -4.82 -6.94
C MET D 74 24.03 -4.94 -6.62
N GLN D 75 23.33 -5.82 -7.33
CA GLN D 75 21.88 -5.95 -7.15
C GLN D 75 21.53 -6.46 -5.74
N GLU D 76 22.48 -7.12 -5.08
CA GLU D 76 22.27 -7.64 -3.73
C GLU D 76 22.13 -6.55 -2.69
N LEU D 77 22.58 -5.34 -3.01
CA LEU D 77 22.51 -4.26 -2.03
C LEU D 77 21.07 -4.04 -1.59
N GLU D 78 20.13 -4.34 -2.49
CA GLU D 78 18.70 -4.24 -2.21
C GLU D 78 18.27 -5.04 -0.98
N ILE D 79 18.99 -6.11 -0.68
CA ILE D 79 18.67 -6.88 0.51
C ILE D 79 18.76 -6.01 1.76
N ASN D 80 19.62 -4.99 1.71
CA ASN D 80 19.84 -4.16 2.90
C ASN D 80 19.66 -2.65 2.72
N LEU D 81 19.34 -2.21 1.52
CA LEU D 81 19.12 -0.79 1.26
C LEU D 81 17.67 -0.40 1.61
N ALA D 82 17.44 -0.01 2.86
CA ALA D 82 16.10 0.21 3.38
C ALA D 82 15.46 1.51 2.86
N SER D 83 16.30 2.50 2.57
CA SER D 83 15.86 3.74 1.93
C SER D 83 17.09 4.45 1.43
N PHE D 84 16.91 5.64 0.86
CA PHE D 84 18.05 6.46 0.46
C PHE D 84 17.59 7.89 0.26
N ALA D 85 18.50 8.83 0.46
CA ALA D 85 18.30 10.24 0.11
C ALA D 85 19.02 10.51 -1.20
N GLY D 86 18.44 11.39 -2.01
CA GLY D 86 18.95 11.64 -3.34
C GLY D 86 18.19 10.84 -4.37
N GLN D 87 18.40 11.18 -5.63
CA GLN D 87 17.94 10.34 -6.72
C GLN D 87 18.97 9.25 -6.91
N ILE D 88 18.56 8.14 -7.50
CA ILE D 88 19.43 6.98 -7.59
C ILE D 88 19.76 6.66 -9.04
N GLN D 89 21.02 6.29 -9.27
CA GLN D 89 21.46 5.83 -10.58
C GLN D 89 22.26 4.56 -10.35
N ALA D 90 21.75 3.43 -10.81
CA ALA D 90 22.36 2.15 -10.47
C ALA D 90 22.71 1.33 -11.69
N ASP D 91 23.79 0.56 -11.57
CA ASP D 91 24.17 -0.41 -12.59
C ASP D 91 24.99 -1.52 -11.97
N GLU D 92 25.60 -2.37 -12.79
CA GLU D 92 26.30 -3.54 -12.31
C GLU D 92 27.60 -3.17 -11.60
N ASP D 93 28.09 -1.96 -11.83
CA ASP D 93 29.38 -1.55 -11.29
C ASP D 93 29.29 -0.61 -10.09
N GLN D 94 28.18 0.11 -9.98
CA GLN D 94 28.05 1.05 -8.88
C GLN D 94 26.64 1.57 -8.70
N ILE D 95 26.41 2.23 -7.57
N ILE D 95 26.39 2.17 -7.55
CA ILE D 95 25.18 2.94 -7.31
CA ILE D 95 25.20 2.95 -7.34
C ILE D 95 25.50 4.37 -6.88
C ILE D 95 25.63 4.37 -7.01
N ARG D 96 24.91 5.35 -7.57
CA ARG D 96 25.19 6.75 -7.33
C ARG D 96 23.95 7.41 -6.73
N PHE D 97 24.11 8.09 -5.60
CA PHE D 97 23.04 8.91 -5.02
C PHE D 97 23.40 10.36 -5.27
N TYR D 98 22.45 11.16 -5.78
CA TYR D 98 22.77 12.53 -6.21
C TYR D 98 21.54 13.44 -6.27
N PHE D 99 21.77 14.75 -6.26
CA PHE D 99 20.72 15.74 -6.47
C PHE D 99 21.01 16.51 -7.74
N ASP D 100 19.95 16.94 -8.42
CA ASP D 100 20.09 17.82 -9.57
C ASP D 100 20.23 19.26 -9.12
N LYS D 101 19.63 19.60 -7.98
CA LYS D 101 19.64 20.99 -7.53
C LYS D 101 20.56 21.19 -6.34
N THR D 102 20.92 22.45 -6.10
CA THR D 102 21.73 22.79 -4.94
C THR D 102 20.94 23.75 -4.08
N MET D 103 20.54 23.29 -2.91
CA MET D 103 19.76 24.12 -1.98
C MET D 103 20.62 24.56 -0.81
#